data_3NR9
#
_entry.id   3NR9
#
_cell.length_a   97.678
_cell.length_b   97.678
_cell.length_c   223.029
_cell.angle_alpha   90.00
_cell.angle_beta   90.00
_cell.angle_gamma   120.00
#
_symmetry.space_group_name_H-M   'P 32 2 1'
#
loop_
_entity.id
_entity.type
_entity.pdbx_description
1 polymer 'Dual specificity protein kinase CLK2'
2 non-polymer (5Z)-5-(quinolin-6-ylmethylidene)-2-[(thiophen-2-ylmethyl)amino]-1,3-thiazol-4(5H)-one
3 water water
#
_entity_poly.entity_id   1
_entity_poly.type   'polypeptide(L)'
_entity_poly.pdbx_seq_one_letter_code
;SMRSSSHSSRRAKSVEDDAEGHLIYHVGDWLQERYEIVSTLGEGTFGRVVQCVDHRRGGARVALKIIKNVEKYKEAARLE
INVLEKINEKDPDNKNLCVQMFDWFDYHGHMCISFELLGLSTFDFLKDNNYLPYPIHQVRHMAFQLCQAVKFLHDNKLTH
TDLKPENILFVNSDYELTYNLEKKRDERSVKSTAVRVVDFGSATFDHEHHSTIVSTRHYRAPEVILELGWSQPCDVWSIG
CIIFEYYVGFTLFQTHDNREHLAMMERILGPIPSRMIRKTRKQKYFYRGRLDWDENTSAGRYVRENCKPLRRYLTSEAEE
HHQLFDLIESMLEYEPAKRLTLGEALQHPFFARLRAEPPNKLWDSSRD
;
_entity_poly.pdbx_strand_id   A,B,C
#
loop_
_chem_comp.id
_chem_comp.type
_chem_comp.name
_chem_comp.formula
NR9 non-polymer (5Z)-5-(quinolin-6-ylmethylidene)-2-[(thiophen-2-ylmethyl)amino]-1,3-thiazol-4(5H)-one 'C18 H13 N3 O S2'
#
# COMPACT_ATOMS: atom_id res chain seq x y z
N SER A 9 -14.16 13.76 13.00
CA SER A 9 -13.87 14.07 14.43
C SER A 9 -15.14 14.46 15.20
N ARG A 10 -15.16 14.14 16.50
CA ARG A 10 -16.36 14.28 17.31
C ARG A 10 -16.17 15.23 18.47
N ARG A 11 -17.30 15.66 19.03
CA ARG A 11 -17.34 16.71 20.04
C ARG A 11 -17.16 16.19 21.47
N ALA A 12 -16.15 16.67 22.17
CA ALA A 12 -16.00 16.38 23.59
C ALA A 12 -17.21 16.94 24.30
N LYS A 13 -17.62 16.28 25.37
CA LYS A 13 -18.85 16.71 26.03
C LYS A 13 -18.76 16.90 27.50
N SER A 14 -17.58 16.77 28.07
CA SER A 14 -17.42 16.92 29.50
C SER A 14 -15.93 16.98 29.82
N VAL A 15 -15.63 17.38 31.05
CA VAL A 15 -14.26 17.40 31.56
C VAL A 15 -13.58 16.03 31.46
N GLU A 16 -14.35 14.95 31.57
CA GLU A 16 -13.83 13.57 31.48
C GLU A 16 -14.48 12.77 30.35
N ASP A 17 -14.06 13.01 29.11
CA ASP A 17 -14.69 12.39 27.93
C ASP A 17 -13.98 11.09 27.59
N ASP A 18 -14.71 10.13 27.04
CA ASP A 18 -14.08 8.98 26.42
C ASP A 18 -13.06 9.37 25.37
N ALA A 19 -13.23 10.54 24.75
CA ALA A 19 -12.36 10.98 23.66
C ALA A 19 -10.92 11.23 24.13
N GLU A 20 -10.75 11.41 25.44
CA GLU A 20 -9.45 11.76 26.02
C GLU A 20 -8.58 10.56 26.28
N GLY A 21 -7.27 10.76 26.21
CA GLY A 21 -6.30 9.74 26.56
C GLY A 21 -5.84 8.87 25.40
N HIS A 22 -6.47 9.01 24.24
CA HIS A 22 -6.08 8.20 23.10
C HIS A 22 -4.74 8.61 22.53
N LEU A 23 -4.17 7.74 21.69
CA LEU A 23 -2.94 8.01 20.96
C LEU A 23 -3.36 8.50 19.62
N ILE A 24 -2.81 9.63 19.23
CA ILE A 24 -2.97 10.19 17.89
C ILE A 24 -2.20 9.39 16.87
N TYR A 25 -2.83 9.14 15.75
CA TYR A 25 -2.19 8.45 14.66
C TYR A 25 -2.92 8.81 13.40
N HIS A 26 -2.33 8.46 12.27
CA HIS A 26 -2.98 8.63 10.98
C HIS A 26 -2.64 7.41 10.14
N VAL A 27 -3.52 7.01 9.22
CA VAL A 27 -3.21 5.83 8.38
C VAL A 27 -1.87 6.06 7.70
N GLY A 28 -1.05 5.01 7.63
CA GLY A 28 0.30 5.10 7.07
C GLY A 28 1.39 5.21 8.10
N ASP A 29 1.08 5.71 9.30
CA ASP A 29 2.07 5.77 10.38
C ASP A 29 2.59 4.39 10.78
N TRP A 30 3.85 4.33 11.19
CA TRP A 30 4.45 3.09 11.67
C TRP A 30 4.72 3.24 13.15
N LEU A 31 4.62 2.12 13.87
CA LEU A 31 4.91 2.09 15.29
C LEU A 31 6.03 1.10 15.51
N GLN A 32 6.99 1.45 16.36
CA GLN A 32 8.17 0.62 16.63
C GLN A 32 8.90 0.22 15.34
N GLU A 33 8.82 1.07 14.32
CA GLU A 33 9.39 0.77 13.00
C GLU A 33 8.94 -0.60 12.55
N ARG A 34 7.69 -0.95 12.84
CA ARG A 34 7.20 -2.30 12.59
C ARG A 34 5.74 -2.40 12.14
N TYR A 35 4.83 -1.76 12.86
CA TYR A 35 3.41 -1.88 12.53
C TYR A 35 2.94 -0.70 11.69
N GLU A 36 2.42 -0.97 10.50
CA GLU A 36 1.90 0.07 9.66
C GLU A 36 0.42 0.13 9.85
N ILE A 37 -0.06 1.25 10.40
CA ILE A 37 -1.50 1.44 10.60
C ILE A 37 -2.23 1.60 9.28
N VAL A 38 -3.15 0.67 9.01
CA VAL A 38 -3.89 0.65 7.77
C VAL A 38 -5.28 1.22 7.93
N SER A 39 -5.94 0.93 9.04
CA SER A 39 -7.30 1.44 9.27
C SER A 39 -7.71 1.25 10.72
N THR A 40 -8.70 2.02 11.17
CA THR A 40 -9.23 1.88 12.53
C THR A 40 -10.36 0.86 12.55
N LEU A 41 -10.33 -0.10 13.46
CA LEU A 41 -11.34 -1.16 13.49
C LEU A 41 -12.48 -0.88 14.49
N GLY A 42 -12.25 0.03 15.44
CA GLY A 42 -13.29 0.40 16.44
C GLY A 42 -12.70 1.11 17.65
N GLU A 43 -13.58 1.65 18.48
CA GLU A 43 -13.19 2.29 19.71
C GLU A 43 -14.00 1.73 20.87
N GLY A 44 -13.36 1.70 22.05
CA GLY A 44 -14.03 1.33 23.30
C GLY A 44 -13.49 2.14 24.45
N THR A 45 -14.10 2.03 25.63
CA THR A 45 -13.67 2.85 26.77
C THR A 45 -12.17 2.70 27.01
N PHE A 46 -11.61 1.55 26.65
CA PHE A 46 -10.18 1.27 26.84
C PHE A 46 -9.26 1.99 25.89
N GLY A 47 -9.75 2.30 24.70
CA GLY A 47 -8.85 2.73 23.62
C GLY A 47 -9.40 2.44 22.23
N ARG A 48 -8.50 2.32 21.27
CA ARG A 48 -8.88 1.98 19.91
C ARG A 48 -8.21 0.68 19.50
N VAL A 49 -8.84 -0.01 18.57
CA VAL A 49 -8.22 -1.13 17.90
C VAL A 49 -7.99 -0.72 16.44
N VAL A 50 -6.78 -0.95 15.93
CA VAL A 50 -6.42 -0.59 14.55
C VAL A 50 -5.82 -1.75 13.75
N GLN A 51 -6.19 -1.86 12.48
CA GLN A 51 -5.66 -2.90 11.58
C GLN A 51 -4.28 -2.48 11.14
N CYS A 52 -3.31 -3.36 11.31
CA CYS A 52 -1.94 -3.03 10.98
C CYS A 52 -1.36 -4.08 10.11
N VAL A 53 -0.30 -3.70 9.42
CA VAL A 53 0.54 -4.64 8.71
C VAL A 53 1.81 -4.82 9.54
N ASP A 54 2.07 -6.04 9.94
CA ASP A 54 3.24 -6.36 10.75
C ASP A 54 4.38 -6.64 9.78
N HIS A 55 5.46 -5.86 9.90
CA HIS A 55 6.62 -6.01 9.01
C HIS A 55 7.79 -6.78 9.60
N ARG A 56 7.72 -7.12 10.89
CA ARG A 56 8.65 -8.08 11.47
C ARG A 56 7.98 -9.46 11.51
N ARG A 57 7.05 -9.68 10.57
CA ARG A 57 6.19 -10.84 10.61
C ARG A 57 5.50 -11.13 9.27
N GLY A 58 6.27 -11.02 8.17
CA GLY A 58 5.83 -11.46 6.84
C GLY A 58 4.94 -10.53 6.04
N GLY A 59 4.42 -9.50 6.69
CA GLY A 59 3.41 -8.62 6.10
C GLY A 59 2.03 -8.91 6.68
N ALA A 60 1.96 -9.91 7.55
CA ALA A 60 0.73 -10.30 8.24
C ALA A 60 -0.09 -9.13 8.69
N ARG A 61 -1.38 -9.22 8.42
CA ARG A 61 -2.32 -8.27 8.92
C ARG A 61 -2.66 -8.63 10.39
N VAL A 62 -2.48 -7.70 11.31
CA VAL A 62 -2.83 -7.95 12.70
C VAL A 62 -3.80 -6.89 13.19
N ALA A 63 -4.42 -7.14 14.35
CA ALA A 63 -5.26 -6.17 15.07
C ALA A 63 -4.48 -5.65 16.24
N LEU A 64 -4.19 -4.38 16.24
CA LEU A 64 -3.42 -3.78 17.33
C LEU A 64 -4.39 -3.07 18.25
N LYS A 65 -4.37 -3.40 19.53
CA LYS A 65 -5.23 -2.76 20.50
C LYS A 65 -4.36 -1.73 21.20
N ILE A 66 -4.68 -0.44 21.03
CA ILE A 66 -3.91 0.67 21.61
C ILE A 66 -4.68 1.23 22.77
N ILE A 67 -4.09 1.15 23.95
CA ILE A 67 -4.79 1.46 25.16
C ILE A 67 -4.53 2.89 25.49
N LYS A 68 -5.52 3.55 26.08
CA LYS A 68 -5.35 4.93 26.53
C LYS A 68 -4.15 5.09 27.47
N ASN A 69 -3.70 6.32 27.55
CA ASN A 69 -2.57 6.70 28.34
C ASN A 69 -3.05 7.11 29.72
N VAL A 70 -3.80 6.25 30.39
CA VAL A 70 -4.41 6.61 31.68
C VAL A 70 -4.29 5.47 32.69
N GLU A 71 -4.09 5.80 33.97
CA GLU A 71 -3.68 4.80 34.96
C GLU A 71 -4.61 3.60 35.04
N LYS A 72 -5.92 3.84 35.10
CA LYS A 72 -6.88 2.74 35.24
C LYS A 72 -6.91 1.81 34.02
N TYR A 73 -6.80 2.38 32.83
CA TYR A 73 -6.89 1.56 31.62
C TYR A 73 -5.57 0.86 31.42
N LYS A 74 -4.49 1.52 31.82
CA LYS A 74 -3.17 0.93 31.69
C LYS A 74 -2.97 -0.20 32.68
N GLU A 75 -3.53 -0.05 33.88
CA GLU A 75 -3.48 -1.14 34.87
C GLU A 75 -4.22 -2.37 34.36
N ALA A 76 -5.45 -2.16 33.92
CA ALA A 76 -6.29 -3.19 33.33
C ALA A 76 -5.56 -3.90 32.20
N ALA A 77 -4.81 -3.15 31.40
CA ALA A 77 -4.10 -3.72 30.24
C ALA A 77 -2.90 -4.53 30.67
N ARG A 78 -2.25 -4.17 31.76
CA ARG A 78 -1.14 -5.00 32.23
C ARG A 78 -1.67 -6.32 32.73
N LEU A 79 -2.76 -6.25 33.48
CA LEU A 79 -3.53 -7.42 33.91
C LEU A 79 -4.01 -8.26 32.73
N GLU A 80 -4.56 -7.61 31.70
CA GLU A 80 -4.99 -8.33 30.48
C GLU A 80 -3.85 -9.05 29.84
N ILE A 81 -2.68 -8.44 29.86
CA ILE A 81 -1.52 -9.01 29.20
C ILE A 81 -1.18 -10.33 29.83
N ASN A 82 -0.95 -10.40 31.14
CA ASN A 82 -0.49 -11.69 31.68
C ASN A 82 -1.60 -12.76 31.72
N VAL A 83 -2.85 -12.33 31.69
CA VAL A 83 -3.95 -13.28 31.51
C VAL A 83 -3.85 -13.96 30.14
N LEU A 84 -3.49 -13.17 29.13
CA LEU A 84 -3.19 -13.69 27.79
C LEU A 84 -1.90 -14.53 27.74
N GLU A 85 -0.90 -14.14 28.52
CA GLU A 85 0.33 -14.92 28.54
C GLU A 85 0.05 -16.31 29.11
N LYS A 86 -0.63 -16.36 30.26
CA LYS A 86 -1.01 -17.63 30.89
C LYS A 86 -1.95 -18.46 30.00
N ILE A 87 -2.67 -17.81 29.09
CA ILE A 87 -3.47 -18.53 28.09
C ILE A 87 -2.65 -19.21 27.02
N ASN A 88 -1.65 -18.53 26.48
CA ASN A 88 -0.75 -19.15 25.50
C ASN A 88 0.10 -20.25 26.15
N GLU A 89 0.40 -20.06 27.42
CA GLU A 89 1.14 -21.00 28.24
C GLU A 89 0.42 -22.34 28.44
N LYS A 90 -0.91 -22.32 28.40
CA LYS A 90 -1.73 -23.51 28.62
C LYS A 90 -2.38 -24.06 27.36
N ASP A 91 -2.24 -23.34 26.25
CA ASP A 91 -2.72 -23.79 24.96
C ASP A 91 -1.83 -23.19 23.88
N PRO A 92 -0.76 -23.92 23.52
CA PRO A 92 0.16 -23.43 22.50
C PRO A 92 -0.44 -23.36 21.10
N ASP A 93 -1.29 -24.33 20.76
CA ASP A 93 -1.82 -24.44 19.40
C ASP A 93 -3.11 -23.61 19.14
N ASN A 94 -3.44 -22.64 20.00
CA ASN A 94 -4.69 -21.85 19.90
C ASN A 94 -5.99 -22.65 19.67
N LYS A 95 -6.05 -23.87 20.21
CA LYS A 95 -7.25 -24.74 20.12
C LYS A 95 -8.33 -24.34 21.14
N ASN A 96 -7.94 -23.53 22.12
CA ASN A 96 -8.80 -23.09 23.23
C ASN A 96 -9.98 -22.11 22.93
N LEU A 97 -9.99 -21.49 21.75
CA LEU A 97 -11.06 -20.56 21.33
C LEU A 97 -11.03 -19.15 21.96
N CYS A 98 -9.97 -18.83 22.70
CA CYS A 98 -9.70 -17.46 23.09
C CYS A 98 -8.77 -16.86 22.08
N VAL A 99 -8.84 -15.55 21.88
CA VAL A 99 -8.09 -14.87 20.84
C VAL A 99 -6.58 -15.01 21.06
N GLN A 100 -5.82 -15.03 19.98
CA GLN A 100 -4.38 -15.23 20.08
C GLN A 100 -3.63 -13.92 20.07
N MET A 101 -2.90 -13.66 21.17
CA MET A 101 -2.01 -12.50 21.26
C MET A 101 -0.68 -12.86 20.68
N PHE A 102 -0.17 -11.99 19.81
CA PHE A 102 1.12 -12.19 19.20
C PHE A 102 2.22 -11.53 20.02
N ASP A 103 2.18 -10.21 20.17
CA ASP A 103 3.07 -9.57 21.14
C ASP A 103 2.44 -8.34 21.81
N TRP A 104 3.18 -7.68 22.68
CA TRP A 104 2.73 -6.48 23.38
C TRP A 104 3.88 -5.55 23.70
N PHE A 105 3.57 -4.27 23.87
CA PHE A 105 4.60 -3.28 24.23
C PHE A 105 4.01 -1.96 24.71
N ASP A 106 4.79 -1.28 25.54
CA ASP A 106 4.47 0.05 26.03
C ASP A 106 4.94 0.98 24.94
N TYR A 107 4.11 1.94 24.57
CA TYR A 107 4.44 2.91 23.54
C TYR A 107 4.13 4.28 24.07
N HIS A 108 5.17 4.93 24.61
CA HIS A 108 5.03 6.23 25.26
C HIS A 108 3.85 6.31 26.19
N GLY A 109 3.63 5.24 26.96
CA GLY A 109 2.54 5.17 27.92
C GLY A 109 1.35 4.39 27.43
N HIS A 110 1.22 4.21 26.12
CA HIS A 110 0.09 3.46 25.58
C HIS A 110 0.49 2.00 25.44
N MET A 111 -0.20 1.13 26.16
CA MET A 111 0.08 -0.30 26.06
C MET A 111 -0.50 -0.69 24.74
N CYS A 112 0.20 -1.55 24.03
CA CYS A 112 -0.24 -1.99 22.73
C CYS A 112 -0.16 -3.50 22.67
N ILE A 113 -1.25 -4.11 22.18
CA ILE A 113 -1.35 -5.56 22.10
C ILE A 113 -1.72 -5.94 20.68
N SER A 114 -1.02 -6.92 20.14
CA SER A 114 -1.19 -7.38 18.76
C SER A 114 -1.98 -8.69 18.76
N PHE A 115 -3.05 -8.75 17.97
CA PHE A 115 -3.87 -9.96 17.89
C PHE A 115 -4.07 -10.35 16.45
N GLU A 116 -4.31 -11.64 16.22
CA GLU A 116 -4.77 -12.10 14.90
C GLU A 116 -5.98 -11.29 14.47
N LEU A 117 -6.02 -10.91 13.21
CA LEU A 117 -7.15 -10.14 12.67
C LEU A 117 -8.35 -11.05 12.54
N LEU A 118 -9.44 -10.70 13.22
CA LEU A 118 -10.68 -11.47 13.12
C LEU A 118 -11.71 -10.70 12.30
N GLY A 119 -13.00 -10.95 12.54
CA GLY A 119 -14.08 -10.27 11.82
C GLY A 119 -14.92 -9.43 12.77
N LEU A 120 -16.11 -9.09 12.33
CA LEU A 120 -17.04 -8.34 13.16
C LEU A 120 -17.46 -9.15 14.39
N SER A 121 -17.82 -8.44 15.45
CA SER A 121 -18.32 -9.05 16.67
C SER A 121 -19.69 -9.61 16.39
N THR A 122 -20.12 -10.52 17.27
CA THR A 122 -21.42 -11.13 17.12
C THR A 122 -22.52 -10.11 17.34
N PHE A 123 -22.23 -9.08 18.14
CA PHE A 123 -23.14 -7.94 18.29
C PHE A 123 -23.21 -7.10 17.04
N ASP A 124 -22.06 -6.70 16.53
CA ASP A 124 -22.05 -5.78 15.41
C ASP A 124 -22.61 -6.41 14.15
N PHE A 125 -22.42 -7.71 13.97
CA PHE A 125 -23.02 -8.37 12.83
C PHE A 125 -24.54 -8.27 12.93
N LEU A 126 -25.05 -8.60 14.12
CA LEU A 126 -26.46 -8.51 14.42
C LEU A 126 -27.01 -7.12 14.15
N LYS A 127 -26.41 -6.12 14.78
CA LYS A 127 -26.77 -4.71 14.63
C LYS A 127 -26.78 -4.32 13.14
N ASP A 128 -25.69 -4.62 12.44
CA ASP A 128 -25.60 -4.29 11.01
C ASP A 128 -26.60 -5.08 10.16
N ASN A 129 -27.25 -6.07 10.77
CA ASN A 129 -28.30 -6.85 10.12
C ASN A 129 -29.70 -6.55 10.72
N ASN A 130 -29.91 -5.32 11.18
CA ASN A 130 -31.20 -4.89 11.74
C ASN A 130 -31.73 -5.71 12.89
N TYR A 131 -30.83 -6.22 13.71
CA TYR A 131 -31.21 -6.99 14.89
C TYR A 131 -32.12 -8.20 14.58
N LEU A 132 -32.01 -8.69 13.35
CA LEU A 132 -32.62 -9.95 12.99
C LEU A 132 -31.81 -11.10 13.59
N PRO A 133 -32.48 -11.95 14.38
CA PRO A 133 -31.76 -12.94 15.18
C PRO A 133 -31.08 -14.04 14.39
N TYR A 134 -30.08 -14.65 14.98
CA TYR A 134 -29.40 -15.74 14.33
C TYR A 134 -30.32 -16.96 14.30
N PRO A 135 -30.34 -17.68 13.18
CA PRO A 135 -31.01 -18.96 13.16
C PRO A 135 -30.49 -19.91 14.25
N ILE A 136 -31.34 -20.86 14.64
CA ILE A 136 -31.06 -21.71 15.80
C ILE A 136 -29.82 -22.58 15.61
N HIS A 137 -29.54 -23.04 14.40
CA HIS A 137 -28.39 -23.88 14.21
C HIS A 137 -27.14 -23.07 14.45
N GLN A 138 -27.18 -21.81 14.03
CA GLN A 138 -26.06 -20.90 14.25
C GLN A 138 -25.94 -20.53 15.71
N VAL A 139 -27.08 -20.29 16.36
CA VAL A 139 -27.05 -20.06 17.79
C VAL A 139 -26.43 -21.24 18.51
N ARG A 140 -26.76 -22.46 18.09
CA ARG A 140 -26.21 -23.63 18.74
C ARG A 140 -24.68 -23.65 18.64
N HIS A 141 -24.18 -23.43 17.44
CA HIS A 141 -22.73 -23.50 17.23
C HIS A 141 -22.05 -22.41 18.05
N MET A 142 -22.61 -21.21 17.99
CA MET A 142 -22.00 -20.08 18.69
C MET A 142 -21.97 -20.36 20.19
N ALA A 143 -23.13 -20.71 20.74
CA ALA A 143 -23.26 -21.03 22.17
C ALA A 143 -22.26 -22.11 22.58
N PHE A 144 -22.18 -23.14 21.77
CA PHE A 144 -21.29 -24.24 22.06
C PHE A 144 -19.87 -23.72 22.24
N GLN A 145 -19.41 -22.96 21.27
CA GLN A 145 -18.02 -22.49 21.26
C GLN A 145 -17.74 -21.57 22.44
N LEU A 146 -18.67 -20.65 22.67
CA LEU A 146 -18.62 -19.75 23.82
C LEU A 146 -18.46 -20.55 25.10
N CYS A 147 -19.20 -21.63 25.26
CA CYS A 147 -19.07 -22.45 26.47
C CYS A 147 -17.68 -23.11 26.58
N GLN A 148 -17.18 -23.69 25.49
CA GLN A 148 -15.85 -24.28 25.49
C GLN A 148 -14.86 -23.19 25.89
N ALA A 149 -14.89 -22.08 25.17
CA ALA A 149 -13.95 -21.01 25.39
C ALA A 149 -13.87 -20.61 26.85
N VAL A 150 -15.03 -20.39 27.47
CA VAL A 150 -15.06 -19.89 28.84
C VAL A 150 -14.81 -21.01 29.85
N LYS A 151 -15.19 -22.23 29.50
CA LYS A 151 -14.84 -23.36 30.35
C LYS A 151 -13.32 -23.46 30.47
N PHE A 152 -12.63 -23.25 29.36
CA PHE A 152 -11.19 -23.25 29.40
C PHE A 152 -10.70 -22.28 30.46
N LEU A 153 -11.24 -21.06 30.43
CA LEU A 153 -10.87 -20.08 31.44
C LEU A 153 -11.21 -20.61 32.82
N HIS A 154 -12.45 -21.08 32.98
CA HIS A 154 -12.90 -21.59 34.28
C HIS A 154 -11.99 -22.68 34.82
N ASP A 155 -11.57 -23.61 33.96
CA ASP A 155 -10.68 -24.68 34.36
C ASP A 155 -9.36 -24.16 34.92
N ASN A 156 -8.83 -23.11 34.33
CA ASN A 156 -7.60 -22.51 34.81
C ASN A 156 -7.83 -21.39 35.83
N LYS A 157 -8.82 -21.57 36.71
CA LYS A 157 -9.04 -20.65 37.80
C LYS A 157 -9.18 -19.18 37.33
N LEU A 158 -9.91 -18.97 36.24
CA LEU A 158 -10.24 -17.62 35.80
C LEU A 158 -11.74 -17.36 35.73
N THR A 159 -12.11 -16.08 35.85
CA THR A 159 -13.45 -15.61 35.50
C THR A 159 -13.27 -14.40 34.63
N HIS A 160 -13.82 -14.45 33.43
CA HIS A 160 -13.80 -13.32 32.52
C HIS A 160 -14.51 -12.08 33.09
N THR A 161 -15.71 -12.28 33.61
CA THR A 161 -16.56 -11.23 34.21
C THR A 161 -17.19 -10.22 33.28
N ASP A 162 -16.77 -10.12 32.01
CA ASP A 162 -17.37 -9.13 31.06
C ASP A 162 -17.71 -9.79 29.73
N LEU A 163 -18.42 -10.91 29.81
CA LEU A 163 -18.83 -11.59 28.60
C LEU A 163 -20.04 -10.85 28.03
N LYS A 164 -20.00 -10.62 26.71
CA LYS A 164 -21.06 -9.95 26.01
C LYS A 164 -20.81 -10.06 24.52
N PRO A 165 -21.84 -9.84 23.70
CA PRO A 165 -21.67 -10.11 22.27
C PRO A 165 -20.56 -9.27 21.58
N GLU A 166 -20.27 -8.09 22.12
CA GLU A 166 -19.18 -7.29 21.58
C GLU A 166 -17.83 -7.93 21.88
N ASN A 167 -17.74 -8.73 22.92
CA ASN A 167 -16.50 -9.44 23.23
C ASN A 167 -16.38 -10.87 22.64
N ILE A 168 -17.26 -11.19 21.69
CA ILE A 168 -17.23 -12.46 21.00
C ILE A 168 -17.17 -12.18 19.51
N LEU A 169 -16.01 -12.44 18.91
CA LEU A 169 -15.77 -12.08 17.51
C LEU A 169 -15.78 -13.26 16.56
N PHE A 170 -16.44 -13.08 15.41
CA PHE A 170 -16.40 -14.08 14.35
C PHE A 170 -14.99 -14.15 13.80
N VAL A 171 -14.47 -15.35 13.57
CA VAL A 171 -13.17 -15.48 12.93
C VAL A 171 -13.21 -14.81 11.56
N ASN A 172 -14.29 -15.02 10.81
CA ASN A 172 -14.53 -14.34 9.55
C ASN A 172 -16.02 -14.10 9.36
N SER A 173 -16.40 -12.82 9.25
CA SER A 173 -17.80 -12.40 9.16
C SER A 173 -18.29 -12.21 7.71
N ASP A 174 -17.67 -12.90 6.75
CA ASP A 174 -18.25 -12.96 5.41
C ASP A 174 -19.67 -13.52 5.46
N TYR A 175 -20.56 -12.99 4.65
CA TYR A 175 -21.97 -13.35 4.74
C TYR A 175 -22.65 -13.42 3.37
N GLU A 176 -23.76 -14.15 3.30
CA GLU A 176 -24.60 -14.16 2.11
C GLU A 176 -25.87 -13.37 2.31
N LEU A 177 -26.43 -12.92 1.19
CA LEU A 177 -27.62 -12.05 1.16
C LEU A 177 -28.89 -12.78 0.68
N THR A 178 -30.06 -12.24 1.07
CA THR A 178 -31.39 -12.66 0.55
C THR A 178 -32.41 -11.48 0.60
N ASP A 186 -35.09 -9.10 2.62
CA ASP A 186 -33.72 -8.74 2.27
C ASP A 186 -32.63 -8.88 3.41
N GLU A 187 -31.96 -10.03 3.54
CA GLU A 187 -31.31 -10.45 4.81
C GLU A 187 -29.89 -11.09 4.78
N ARG A 188 -29.07 -10.73 5.76
CA ARG A 188 -27.66 -11.17 5.86
C ARG A 188 -27.48 -12.43 6.69
N SER A 189 -26.70 -13.37 6.18
CA SER A 189 -26.46 -14.63 6.87
C SER A 189 -24.97 -14.98 6.89
N VAL A 190 -24.37 -15.11 8.06
CA VAL A 190 -22.92 -15.30 8.13
C VAL A 190 -22.57 -16.68 7.53
N LYS A 191 -21.50 -16.75 6.74
CA LYS A 191 -21.09 -18.02 6.12
C LYS A 191 -20.45 -19.03 7.08
N SER A 192 -19.86 -18.55 8.17
CA SER A 192 -19.16 -19.43 9.11
C SER A 192 -19.25 -18.88 10.52
N THR A 193 -19.85 -19.64 11.42
CA THR A 193 -20.09 -19.19 12.77
C THR A 193 -18.94 -19.48 13.72
N ALA A 194 -17.74 -19.75 13.21
CA ALA A 194 -16.54 -19.86 14.05
C ALA A 194 -16.32 -18.56 14.80
N VAL A 195 -16.11 -18.63 16.11
CA VAL A 195 -15.93 -17.40 16.92
C VAL A 195 -14.77 -17.48 17.92
N ARG A 196 -14.40 -16.34 18.51
CA ARG A 196 -13.36 -16.27 19.55
C ARG A 196 -13.77 -15.28 20.63
N VAL A 197 -13.30 -15.51 21.85
CA VAL A 197 -13.59 -14.61 22.97
C VAL A 197 -12.43 -13.64 23.19
N VAL A 198 -12.76 -12.35 23.35
CA VAL A 198 -11.73 -11.30 23.48
C VAL A 198 -11.94 -10.49 24.76
N ASP A 199 -11.02 -9.57 25.04
CA ASP A 199 -11.14 -8.62 26.17
C ASP A 199 -10.96 -9.26 27.54
N PHE A 200 -9.73 -9.36 28.00
CA PHE A 200 -9.47 -9.95 29.31
C PHE A 200 -9.00 -8.90 30.30
N GLY A 201 -9.42 -7.66 30.06
CA GLY A 201 -9.11 -6.52 30.93
C GLY A 201 -9.67 -6.64 32.35
N SER A 202 -10.82 -7.30 32.47
CA SER A 202 -11.46 -7.48 33.76
C SER A 202 -11.33 -8.90 34.30
N ALA A 203 -10.66 -9.76 33.54
CA ALA A 203 -10.59 -11.16 33.87
C ALA A 203 -9.90 -11.31 35.19
N THR A 204 -10.29 -12.31 35.99
CA THR A 204 -9.82 -12.40 37.38
C THR A 204 -9.55 -13.84 37.83
N PHE A 205 -8.37 -14.01 38.43
CA PHE A 205 -8.01 -15.27 39.04
C PHE A 205 -8.68 -15.39 40.41
N ASP A 206 -8.74 -16.60 40.93
CA ASP A 206 -9.45 -16.85 42.17
C ASP A 206 -8.74 -16.24 43.39
N HIS A 207 -7.42 -16.18 43.33
CA HIS A 207 -6.62 -15.66 44.44
C HIS A 207 -6.58 -14.14 44.49
N GLU A 208 -6.84 -13.49 43.35
CA GLU A 208 -6.77 -12.03 43.26
C GLU A 208 -7.96 -11.32 43.87
N HIS A 209 -7.81 -10.01 44.05
CA HIS A 209 -8.87 -9.17 44.58
C HIS A 209 -9.99 -9.10 43.54
N HIS A 210 -11.22 -9.24 44.02
CA HIS A 210 -12.41 -9.16 43.18
C HIS A 210 -13.06 -7.77 43.30
N SER A 211 -13.24 -7.06 42.18
CA SER A 211 -14.04 -5.82 42.18
C SER A 211 -15.43 -6.10 42.66
N THR A 212 -16.08 -5.15 43.30
CA THR A 212 -17.43 -5.42 43.76
C THR A 212 -18.34 -5.59 42.53
N ILE A 213 -18.42 -4.57 41.70
CA ILE A 213 -19.30 -4.57 40.53
C ILE A 213 -18.52 -5.00 39.28
N VAL A 214 -19.00 -5.95 38.50
CA VAL A 214 -18.10 -6.49 37.49
C VAL A 214 -18.55 -6.68 36.08
N SER A 215 -19.84 -6.75 35.81
CA SER A 215 -20.18 -6.95 34.41
C SER A 215 -20.82 -5.74 33.75
N THR A 216 -20.97 -5.77 32.44
CA THR A 216 -21.81 -4.77 31.77
C THR A 216 -23.24 -5.05 32.16
N ARG A 217 -23.97 -4.00 32.55
CA ARG A 217 -25.35 -4.10 33.11
C ARG A 217 -26.17 -5.30 32.61
N HIS A 218 -26.39 -5.38 31.31
CA HIS A 218 -27.31 -6.37 30.76
C HIS A 218 -26.91 -7.82 31.04
N TYR A 219 -25.67 -8.03 31.40
CA TYR A 219 -25.15 -9.38 31.61
C TYR A 219 -24.73 -9.59 33.06
N ARG A 220 -25.12 -8.65 33.95
CA ARG A 220 -24.73 -8.72 35.36
C ARG A 220 -25.60 -9.70 36.10
N ALA A 221 -24.96 -10.55 36.91
CA ALA A 221 -25.59 -11.66 37.61
C ALA A 221 -26.12 -11.18 38.94
N PRO A 222 -27.24 -11.74 39.41
CA PRO A 222 -27.84 -11.25 40.64
C PRO A 222 -26.89 -11.25 41.85
N GLU A 223 -26.04 -12.25 41.98
CA GLU A 223 -25.14 -12.21 43.11
C GLU A 223 -24.23 -10.99 43.07
N VAL A 224 -23.96 -10.51 41.86
CA VAL A 224 -23.18 -9.26 41.70
C VAL A 224 -24.00 -8.06 42.18
N ILE A 225 -25.19 -7.90 41.61
CA ILE A 225 -26.08 -6.84 42.00
C ILE A 225 -26.22 -6.73 43.53
N LEU A 226 -26.35 -7.86 44.21
CA LEU A 226 -26.62 -7.85 45.63
C LEU A 226 -25.34 -7.99 46.48
N GLU A 227 -24.19 -7.89 45.83
CA GLU A 227 -22.89 -7.93 46.50
C GLU A 227 -22.79 -9.06 47.52
N LEU A 228 -23.04 -10.27 47.06
CA LEU A 228 -22.96 -11.48 47.89
C LEU A 228 -21.67 -12.24 47.60
N GLY A 229 -20.81 -11.67 46.76
CA GLY A 229 -19.65 -12.39 46.28
C GLY A 229 -19.95 -13.02 44.95
N TRP A 230 -18.92 -13.21 44.13
CA TRP A 230 -19.09 -13.80 42.82
C TRP A 230 -17.84 -14.57 42.48
N SER A 231 -17.95 -15.47 41.51
CA SER A 231 -16.80 -16.20 40.96
C SER A 231 -17.27 -16.80 39.64
N GLN A 232 -16.75 -17.95 39.23
CA GLN A 232 -17.06 -18.48 37.89
C GLN A 232 -18.55 -18.43 37.54
N PRO A 233 -19.45 -18.73 38.48
CA PRO A 233 -20.87 -18.81 38.07
C PRO A 233 -21.45 -17.59 37.40
N CYS A 234 -20.95 -16.40 37.75
CA CYS A 234 -21.51 -15.16 37.17
C CYS A 234 -21.27 -15.06 35.65
N ASP A 235 -20.17 -15.63 35.16
CA ASP A 235 -19.96 -15.80 33.72
C ASP A 235 -21.09 -16.57 33.07
N VAL A 236 -21.51 -17.67 33.72
CA VAL A 236 -22.51 -18.56 33.15
C VAL A 236 -23.82 -17.79 32.98
N TRP A 237 -24.11 -16.94 33.94
CA TRP A 237 -25.27 -16.05 33.84
C TRP A 237 -25.13 -15.18 32.60
N SER A 238 -23.97 -14.54 32.46
CA SER A 238 -23.74 -13.70 31.28
C SER A 238 -24.03 -14.56 30.04
N ILE A 239 -23.49 -15.78 30.00
CA ILE A 239 -23.62 -16.60 28.81
C ILE A 239 -25.08 -16.83 28.46
N GLY A 240 -25.88 -17.11 29.48
CA GLY A 240 -27.31 -17.34 29.26
C GLY A 240 -27.93 -16.17 28.55
N CYS A 241 -27.75 -14.97 29.14
CA CYS A 241 -28.20 -13.70 28.56
C CYS A 241 -27.76 -13.46 27.11
N ILE A 242 -26.54 -13.87 26.77
CA ILE A 242 -26.05 -13.78 25.40
C ILE A 242 -26.78 -14.74 24.46
N ILE A 243 -26.87 -16.02 24.82
CA ILE A 243 -27.58 -17.02 24.02
C ILE A 243 -28.98 -16.50 23.68
N PHE A 244 -29.69 -16.02 24.68
CA PHE A 244 -31.02 -15.45 24.49
C PHE A 244 -30.99 -14.35 23.47
N GLU A 245 -30.06 -13.42 23.64
CA GLU A 245 -29.91 -12.28 22.73
C GLU A 245 -29.69 -12.75 21.28
N TYR A 246 -28.85 -13.78 21.14
CA TYR A 246 -28.59 -14.33 19.86
C TYR A 246 -29.88 -14.89 19.24
N TYR A 247 -30.78 -15.39 20.07
CA TYR A 247 -31.94 -16.10 19.56
C TYR A 247 -33.12 -15.19 19.22
N VAL A 248 -33.31 -14.12 19.99
CA VAL A 248 -34.40 -13.17 19.73
C VAL A 248 -33.93 -11.87 19.07
N GLY A 249 -32.65 -11.54 19.27
CA GLY A 249 -32.09 -10.35 18.66
C GLY A 249 -32.07 -9.09 19.48
N PHE A 250 -32.56 -9.13 20.70
CA PHE A 250 -32.51 -7.97 21.60
C PHE A 250 -32.14 -8.43 23.03
N THR A 251 -31.70 -7.52 23.86
CA THR A 251 -31.22 -7.87 25.20
C THR A 251 -32.37 -8.36 26.08
N LEU A 252 -32.03 -9.29 26.97
CA LEU A 252 -33.03 -9.88 27.87
C LEU A 252 -33.39 -8.90 28.97
N PHE A 253 -32.39 -8.21 29.51
CA PHE A 253 -32.64 -7.24 30.57
C PHE A 253 -32.31 -5.84 30.09
N GLN A 254 -33.27 -5.18 29.48
CA GLN A 254 -32.99 -3.82 29.03
C GLN A 254 -33.36 -2.87 30.17
N THR A 255 -32.34 -2.50 30.95
CA THR A 255 -32.54 -1.65 32.10
C THR A 255 -31.21 -1.09 32.52
N HIS A 256 -31.21 -0.02 33.32
CA HIS A 256 -29.96 0.51 33.89
C HIS A 256 -29.98 0.74 35.40
N ASP A 257 -31.04 0.29 36.07
CA ASP A 257 -31.25 0.50 37.49
C ASP A 257 -31.33 -0.87 38.12
N ASN A 258 -30.62 -1.03 39.25
CA ASN A 258 -30.69 -2.24 40.04
C ASN A 258 -32.11 -2.69 40.37
N ARG A 259 -32.94 -1.82 40.94
CA ARG A 259 -34.25 -2.27 41.40
C ARG A 259 -35.11 -2.74 40.22
N GLU A 260 -35.06 -1.98 39.12
CA GLU A 260 -35.80 -2.35 37.91
C GLU A 260 -35.29 -3.69 37.39
N HIS A 261 -33.98 -3.85 37.43
CA HIS A 261 -33.30 -5.01 36.88
C HIS A 261 -33.80 -6.22 37.65
N LEU A 262 -33.80 -6.10 38.98
CA LEU A 262 -34.30 -7.16 39.86
C LEU A 262 -35.81 -7.43 39.64
N ALA A 263 -36.60 -6.36 39.54
CA ALA A 263 -37.98 -6.44 39.12
C ALA A 263 -38.11 -7.24 37.83
N MET A 264 -37.23 -6.99 36.87
CA MET A 264 -37.31 -7.70 35.59
C MET A 264 -37.01 -9.18 35.75
N MET A 265 -35.99 -9.49 36.51
CA MET A 265 -35.61 -10.89 36.73
C MET A 265 -36.80 -11.63 37.30
N GLU A 266 -37.37 -11.06 38.34
CA GLU A 266 -38.45 -11.72 39.00
C GLU A 266 -39.53 -12.05 38.01
N ARG A 267 -39.92 -11.10 37.19
CA ARG A 267 -40.95 -11.37 36.22
C ARG A 267 -40.59 -12.45 35.21
N ILE A 268 -39.34 -12.43 34.76
CA ILE A 268 -38.94 -13.33 33.69
C ILE A 268 -38.60 -14.70 34.28
N LEU A 269 -37.99 -14.69 35.44
CA LEU A 269 -37.40 -15.90 35.99
C LEU A 269 -38.13 -16.47 37.17
N GLY A 270 -39.05 -15.71 37.76
CA GLY A 270 -39.61 -16.07 39.08
C GLY A 270 -38.92 -15.38 40.24
N PRO A 271 -39.36 -15.66 41.48
CA PRO A 271 -38.94 -14.85 42.62
C PRO A 271 -37.53 -15.12 43.11
N ILE A 272 -36.92 -14.08 43.65
CA ILE A 272 -35.56 -14.14 44.22
C ILE A 272 -35.58 -14.95 45.53
N PRO A 273 -34.62 -15.87 45.70
CA PRO A 273 -34.59 -16.67 46.90
C PRO A 273 -34.35 -15.82 48.13
N SER A 274 -35.18 -16.00 49.15
CA SER A 274 -35.03 -15.24 50.38
C SER A 274 -33.62 -15.33 50.99
N ARG A 275 -33.00 -16.49 50.88
CA ARG A 275 -31.67 -16.60 51.38
C ARG A 275 -30.87 -15.41 50.88
N MET A 276 -30.93 -15.18 49.57
CA MET A 276 -30.18 -14.08 48.97
C MET A 276 -30.68 -12.68 49.43
N ILE A 277 -31.98 -12.49 49.47
CA ILE A 277 -32.57 -11.26 49.98
C ILE A 277 -32.07 -10.95 51.39
N ARG A 278 -32.11 -11.97 52.21
CA ARG A 278 -31.70 -11.82 53.60
C ARG A 278 -30.21 -11.52 53.79
N LYS A 279 -29.37 -12.12 52.97
CA LYS A 279 -27.93 -12.03 53.19
C LYS A 279 -27.32 -10.76 52.58
N THR A 280 -27.98 -10.19 51.59
CA THR A 280 -27.47 -8.99 50.91
C THR A 280 -27.40 -7.78 51.82
N ARG A 281 -26.26 -7.08 51.79
CA ARG A 281 -26.15 -5.79 52.46
C ARG A 281 -26.97 -4.73 51.72
N LYS A 282 -27.32 -5.02 50.45
CA LYS A 282 -28.12 -4.12 49.64
C LYS A 282 -29.58 -4.25 50.03
N GLN A 283 -29.82 -4.06 51.31
CA GLN A 283 -31.12 -4.29 51.90
C GLN A 283 -32.18 -3.25 51.43
N LYS A 284 -31.75 -2.20 50.72
CA LYS A 284 -32.64 -1.09 50.41
C LYS A 284 -33.68 -1.46 49.39
N TYR A 285 -33.42 -2.50 48.59
CA TYR A 285 -34.35 -2.89 47.53
C TYR A 285 -35.37 -3.92 48.05
N PHE A 286 -35.43 -4.11 49.36
CA PHE A 286 -36.32 -5.14 49.95
C PHE A 286 -37.10 -4.64 51.15
N TYR A 287 -38.36 -5.07 51.25
CA TYR A 287 -39.24 -4.77 52.39
C TYR A 287 -40.01 -6.04 52.76
N ARG A 288 -40.27 -6.21 54.04
CA ARG A 288 -40.87 -7.44 54.57
C ARG A 288 -40.36 -8.68 53.88
N GLY A 289 -39.06 -8.80 53.69
CA GLY A 289 -38.51 -10.04 53.22
C GLY A 289 -38.63 -10.30 51.73
N ARG A 290 -39.33 -9.46 50.98
CA ARG A 290 -39.38 -9.59 49.53
C ARG A 290 -38.81 -8.35 48.87
N LEU A 291 -38.56 -8.46 47.57
CA LEU A 291 -38.28 -7.30 46.73
C LEU A 291 -39.31 -6.23 46.93
N ASP A 292 -38.84 -4.99 47.16
CA ASP A 292 -39.70 -3.83 47.34
C ASP A 292 -40.09 -3.22 45.98
N TRP A 293 -41.22 -3.67 45.46
CA TRP A 293 -41.57 -3.30 44.11
C TRP A 293 -43.06 -3.50 43.86
N ASP A 294 -43.77 -2.38 43.73
CA ASP A 294 -45.22 -2.34 43.52
C ASP A 294 -45.45 -2.51 42.04
N GLU A 295 -46.12 -3.60 41.69
CA GLU A 295 -46.45 -3.89 40.30
C GLU A 295 -47.53 -2.99 39.71
N ASN A 296 -48.24 -2.26 40.56
CA ASN A 296 -49.36 -1.46 40.12
C ASN A 296 -49.06 0.02 40.04
N THR A 297 -47.79 0.35 39.95
CA THR A 297 -47.36 1.72 39.65
C THR A 297 -47.07 1.80 38.14
N SER A 298 -46.65 2.97 37.65
CA SER A 298 -46.25 3.07 36.25
C SER A 298 -44.96 2.29 36.01
N ALA A 299 -44.03 2.36 36.96
CA ALA A 299 -42.80 1.61 36.85
C ALA A 299 -43.18 0.16 36.81
N GLY A 300 -44.21 -0.18 37.58
CA GLY A 300 -44.66 -1.57 37.59
C GLY A 300 -45.20 -1.95 36.22
N ARG A 301 -46.11 -1.12 35.75
CA ARG A 301 -46.68 -1.26 34.42
C ARG A 301 -45.60 -1.37 33.35
N TYR A 302 -44.47 -0.70 33.52
CA TYR A 302 -43.48 -0.67 32.45
C TYR A 302 -42.82 -2.02 32.29
N VAL A 303 -42.37 -2.60 33.40
CA VAL A 303 -41.67 -3.87 33.42
C VAL A 303 -42.55 -4.99 32.92
N ARG A 304 -43.74 -5.07 33.50
CA ARG A 304 -44.79 -6.00 33.07
C ARG A 304 -45.12 -5.90 31.58
N GLU A 305 -45.14 -4.69 31.04
CA GLU A 305 -45.47 -4.52 29.62
C GLU A 305 -44.29 -4.81 28.72
N ASN A 306 -43.08 -4.75 29.25
CA ASN A 306 -41.87 -4.86 28.41
C ASN A 306 -41.09 -6.15 28.55
N CYS A 307 -41.62 -7.11 29.29
CA CYS A 307 -40.98 -8.41 29.38
C CYS A 307 -41.90 -9.39 30.04
N LYS A 308 -41.59 -10.67 29.84
CA LYS A 308 -42.47 -11.74 30.20
C LYS A 308 -41.65 -12.95 30.56
N PRO A 309 -42.32 -13.97 31.11
CA PRO A 309 -41.67 -15.19 31.51
C PRO A 309 -40.79 -15.81 30.43
N LEU A 310 -39.64 -16.31 30.84
CA LEU A 310 -38.60 -16.66 29.91
C LEU A 310 -39.07 -17.47 28.71
N ARG A 311 -39.94 -18.45 28.94
CA ARG A 311 -40.32 -19.39 27.89
C ARG A 311 -41.28 -18.86 26.84
N ARG A 312 -41.71 -17.63 27.01
CA ARG A 312 -42.59 -17.00 26.04
C ARG A 312 -41.92 -16.37 24.85
N TYR A 313 -40.60 -16.29 24.90
CA TYR A 313 -39.86 -15.78 23.79
C TYR A 313 -39.61 -16.81 22.69
N LEU A 314 -40.04 -18.05 22.89
CA LEU A 314 -39.92 -19.08 21.88
C LEU A 314 -40.54 -18.68 20.54
N THR A 315 -39.75 -18.73 19.48
CA THR A 315 -40.19 -18.60 18.10
C THR A 315 -40.99 -19.84 17.65
N SER A 316 -40.61 -21.02 18.15
CA SER A 316 -41.16 -22.28 17.67
C SER A 316 -41.56 -23.24 18.81
N GLU A 317 -42.25 -24.31 18.44
CA GLU A 317 -42.63 -25.35 19.37
C GLU A 317 -41.77 -26.59 19.23
N ALA A 318 -40.88 -26.63 18.24
CA ALA A 318 -40.07 -27.83 18.02
C ALA A 318 -39.20 -28.12 19.24
N GLU A 319 -38.84 -29.37 19.41
CA GLU A 319 -38.08 -29.76 20.57
C GLU A 319 -36.76 -29.01 20.67
N GLU A 320 -36.07 -28.86 19.54
CA GLU A 320 -34.74 -28.27 19.58
C GLU A 320 -34.76 -26.87 20.16
N HIS A 321 -35.89 -26.17 19.97
CA HIS A 321 -36.10 -24.85 20.57
C HIS A 321 -36.32 -24.92 22.06
N HIS A 322 -37.19 -25.83 22.48
CA HIS A 322 -37.42 -26.02 23.91
C HIS A 322 -36.11 -26.40 24.61
N GLN A 323 -35.28 -27.19 23.94
CA GLN A 323 -34.00 -27.64 24.52
C GLN A 323 -33.12 -26.43 24.78
N LEU A 324 -33.06 -25.53 23.81
CA LEU A 324 -32.35 -24.25 23.99
C LEU A 324 -32.80 -23.56 25.28
N PHE A 325 -34.11 -23.42 25.44
CA PHE A 325 -34.62 -22.69 26.56
C PHE A 325 -34.41 -23.41 27.90
N ASP A 326 -34.32 -24.73 27.91
CA ASP A 326 -33.92 -25.43 29.14
C ASP A 326 -32.50 -25.03 29.54
N LEU A 327 -31.59 -25.06 28.58
CA LEU A 327 -30.21 -24.54 28.75
C LEU A 327 -30.20 -23.12 29.31
N ILE A 328 -30.84 -22.19 28.62
CA ILE A 328 -30.91 -20.80 29.08
C ILE A 328 -31.44 -20.76 30.51
N GLU A 329 -32.56 -21.48 30.71
CA GLU A 329 -33.24 -21.47 32.00
C GLU A 329 -32.31 -21.90 33.11
N SER A 330 -31.44 -22.87 32.85
CA SER A 330 -30.54 -23.38 33.88
C SER A 330 -29.40 -22.42 34.17
N MET A 331 -28.93 -21.75 33.11
CA MET A 331 -27.87 -20.74 33.22
C MET A 331 -28.34 -19.50 33.98
N LEU A 332 -29.63 -19.18 33.93
CA LEU A 332 -30.18 -18.09 34.70
C LEU A 332 -30.82 -18.62 36.00
N GLU A 333 -30.17 -19.58 36.64
CA GLU A 333 -30.55 -19.96 38.01
C GLU A 333 -30.07 -18.85 38.93
N TYR A 334 -30.95 -18.37 39.81
CA TYR A 334 -30.59 -17.32 40.78
C TYR A 334 -29.38 -17.69 41.63
N GLU A 335 -29.41 -18.87 42.22
CA GLU A 335 -28.43 -19.24 43.22
C GLU A 335 -27.15 -19.76 42.57
N PRO A 336 -26.00 -19.07 42.78
CA PRO A 336 -24.79 -19.39 42.02
C PRO A 336 -24.34 -20.82 42.14
N ALA A 337 -24.40 -21.37 43.36
CA ALA A 337 -23.96 -22.76 43.60
C ALA A 337 -24.85 -23.77 42.87
N LYS A 338 -26.12 -23.45 42.67
CA LYS A 338 -27.06 -24.33 41.97
C LYS A 338 -27.00 -24.13 40.48
N ARG A 339 -26.44 -23.01 40.07
CA ARG A 339 -26.42 -22.66 38.66
C ARG A 339 -25.60 -23.65 37.88
N LEU A 340 -26.05 -23.91 36.67
CA LEU A 340 -25.35 -24.80 35.74
C LEU A 340 -23.88 -24.43 35.65
N THR A 341 -22.99 -25.43 35.73
CA THR A 341 -21.58 -25.19 35.40
C THR A 341 -21.42 -25.39 33.89
N LEU A 342 -20.31 -24.90 33.34
CA LEU A 342 -20.07 -24.97 31.90
C LEU A 342 -19.70 -26.39 31.45
N GLY A 343 -19.15 -27.19 32.36
CA GLY A 343 -18.93 -28.62 32.13
C GLY A 343 -20.25 -29.33 31.88
N GLU A 344 -21.20 -29.09 32.76
CA GLU A 344 -22.57 -29.57 32.57
C GLU A 344 -23.13 -28.99 31.28
N ALA A 345 -22.89 -27.70 31.07
CA ALA A 345 -23.39 -27.07 29.86
C ALA A 345 -22.98 -27.83 28.58
N LEU A 346 -21.71 -28.19 28.46
CA LEU A 346 -21.29 -28.86 27.24
C LEU A 346 -21.96 -30.22 27.05
N GLN A 347 -22.44 -30.82 28.15
CA GLN A 347 -23.15 -32.11 28.07
C GLN A 347 -24.66 -31.99 27.78
N HIS A 348 -25.16 -30.77 27.69
CA HIS A 348 -26.60 -30.55 27.56
C HIS A 348 -27.17 -31.07 26.24
N PRO A 349 -28.40 -31.63 26.27
CA PRO A 349 -29.12 -32.12 25.11
C PRO A 349 -29.11 -31.20 23.90
N PHE A 350 -29.22 -29.91 24.14
CA PHE A 350 -29.20 -28.94 23.05
C PHE A 350 -28.01 -29.09 22.11
N PHE A 351 -26.88 -29.55 22.64
CA PHE A 351 -25.66 -29.67 21.85
C PHE A 351 -25.35 -31.05 21.27
N ALA A 352 -26.28 -31.99 21.39
CA ALA A 352 -26.02 -33.37 20.94
C ALA A 352 -25.53 -33.47 19.49
N ARG A 353 -26.13 -32.67 18.61
CA ARG A 353 -25.72 -32.62 17.19
C ARG A 353 -24.23 -32.32 16.99
N LEU A 354 -23.78 -31.20 17.55
CA LEU A 354 -22.40 -30.71 17.44
C LEU A 354 -21.29 -31.59 18.07
N ARG A 355 -21.63 -32.42 19.07
CA ARG A 355 -20.67 -33.37 19.68
C ARG A 355 -20.32 -34.54 18.73
N ALA A 356 -21.33 -35.14 18.09
CA ALA A 356 -21.11 -36.12 17.03
C ALA A 356 -22.29 -36.14 16.05
N SER B 8 26.99 7.18 -13.58
CA SER B 8 28.26 6.38 -13.52
C SER B 8 29.32 6.92 -12.53
N SER B 9 28.98 7.93 -11.72
CA SER B 9 29.89 8.34 -10.62
C SER B 9 29.22 8.60 -9.25
N ARG B 10 29.85 8.03 -8.22
CA ARG B 10 29.30 7.91 -6.88
C ARG B 10 30.32 8.27 -5.77
N ARG B 11 29.80 8.45 -4.56
CA ARG B 11 30.56 9.01 -3.46
C ARG B 11 31.30 7.95 -2.66
N ALA B 12 32.62 8.08 -2.56
CA ALA B 12 33.40 7.23 -1.67
C ALA B 12 32.90 7.43 -0.27
N LYS B 13 32.94 6.39 0.55
CA LYS B 13 32.35 6.52 1.89
C LYS B 13 33.23 6.08 3.03
N SER B 14 34.47 5.72 2.73
CA SER B 14 35.38 5.22 3.73
C SER B 14 36.77 5.07 3.14
N VAL B 15 37.75 4.93 4.03
CA VAL B 15 39.12 4.70 3.64
C VAL B 15 39.24 3.51 2.69
N GLU B 16 38.40 2.48 2.90
CA GLU B 16 38.44 1.24 2.08
C GLU B 16 37.13 0.98 1.31
N ASP B 17 36.88 1.75 0.25
CA ASP B 17 35.61 1.68 -0.49
C ASP B 17 35.71 0.65 -1.60
N ASP B 18 34.60 -0.02 -1.90
CA ASP B 18 34.48 -0.81 -3.14
C ASP B 18 34.83 -0.02 -4.41
N ALA B 19 34.70 1.30 -4.34
CA ALA B 19 35.00 2.17 -5.47
C ALA B 19 36.46 2.13 -5.90
N GLU B 20 37.33 1.78 -4.96
CA GLU B 20 38.77 1.83 -5.15
C GLU B 20 39.32 0.61 -5.86
N GLY B 21 40.42 0.80 -6.58
CA GLY B 21 41.15 -0.31 -7.18
C GLY B 21 40.76 -0.69 -8.60
N HIS B 22 39.74 -0.04 -9.13
CA HIS B 22 39.30 -0.34 -10.51
C HIS B 22 40.24 0.24 -11.58
N LEU B 23 40.01 -0.19 -12.81
CA LEU B 23 40.66 0.34 -13.98
C LEU B 23 39.69 1.34 -14.58
N ILE B 24 40.20 2.55 -14.81
CA ILE B 24 39.46 3.60 -15.50
C ILE B 24 39.33 3.28 -16.96
N TYR B 25 38.12 3.46 -17.47
CA TYR B 25 37.84 3.28 -18.88
C TYR B 25 36.62 4.11 -19.26
N HIS B 26 36.41 4.24 -20.58
CA HIS B 26 35.24 4.93 -21.11
C HIS B 26 34.77 4.15 -22.33
N VAL B 27 33.46 4.13 -22.61
CA VAL B 27 32.97 3.38 -23.78
C VAL B 27 33.72 3.86 -25.02
N GLY B 28 34.14 2.92 -25.86
CA GLY B 28 34.92 3.25 -27.05
C GLY B 28 36.41 2.99 -26.90
N ASP B 29 36.90 2.92 -25.68
CA ASP B 29 38.30 2.56 -25.45
C ASP B 29 38.61 1.13 -25.91
N TRP B 30 39.83 0.95 -26.40
CA TRP B 30 40.32 -0.36 -26.80
C TRP B 30 41.35 -0.81 -25.77
N LEU B 31 41.47 -2.12 -25.63
CA LEU B 31 42.49 -2.72 -24.76
C LEU B 31 43.27 -3.74 -25.57
N GLN B 32 44.59 -3.70 -25.42
CA GLN B 32 45.50 -4.54 -26.23
C GLN B 32 45.33 -4.35 -27.75
N GLU B 33 44.90 -3.15 -28.15
CA GLU B 33 44.56 -2.87 -29.54
C GLU B 33 43.65 -3.96 -30.09
N ARG B 34 42.71 -4.43 -29.26
CA ARG B 34 41.89 -5.58 -29.60
C ARG B 34 40.44 -5.45 -29.15
N TYR B 35 40.23 -5.23 -27.84
CA TYR B 35 38.88 -5.22 -27.30
C TYR B 35 38.32 -3.80 -27.23
N GLU B 36 37.18 -3.59 -27.88
CA GLU B 36 36.50 -2.30 -27.82
C GLU B 36 35.40 -2.35 -26.74
N ILE B 37 35.57 -1.56 -25.68
CA ILE B 37 34.58 -1.50 -24.61
C ILE B 37 33.30 -0.82 -25.07
N VAL B 38 32.21 -1.60 -25.06
CA VAL B 38 30.90 -1.15 -25.55
C VAL B 38 30.01 -0.68 -24.40
N SER B 39 30.02 -1.41 -23.29
CA SER B 39 29.20 -1.07 -22.15
C SER B 39 29.66 -1.83 -20.93
N THR B 40 29.23 -1.34 -19.77
CA THR B 40 29.50 -2.00 -18.48
C THR B 40 28.37 -2.98 -18.15
N LEU B 41 28.72 -4.22 -17.81
CA LEU B 41 27.71 -5.25 -17.50
C LEU B 41 27.43 -5.43 -16.00
N GLY B 42 28.33 -4.95 -15.14
CA GLY B 42 28.13 -5.02 -13.70
C GLY B 42 29.41 -4.82 -12.91
N GLU B 43 29.26 -4.64 -11.59
CA GLU B 43 30.39 -4.56 -10.68
C GLU B 43 30.24 -5.54 -9.53
N GLY B 44 31.38 -6.04 -9.04
CA GLY B 44 31.46 -6.90 -7.86
C GLY B 44 32.72 -6.57 -7.10
N THR B 45 32.93 -7.20 -5.94
CA THR B 45 34.07 -6.89 -5.07
C THR B 45 35.40 -7.09 -5.79
N PHE B 46 35.41 -8.00 -6.77
CA PHE B 46 36.60 -8.30 -7.58
C PHE B 46 36.95 -7.23 -8.62
N GLY B 47 35.96 -6.49 -9.09
CA GLY B 47 36.15 -5.66 -10.26
C GLY B 47 34.88 -5.46 -11.08
N ARG B 48 35.06 -5.13 -12.35
CA ARG B 48 33.92 -4.89 -13.23
C ARG B 48 33.93 -5.89 -14.36
N VAL B 49 32.75 -6.13 -14.91
CA VAL B 49 32.59 -6.89 -16.15
C VAL B 49 32.07 -5.93 -17.22
N VAL B 50 32.70 -5.96 -18.38
CA VAL B 50 32.34 -5.07 -19.49
C VAL B 50 32.07 -5.84 -20.80
N GLN B 51 31.06 -5.39 -21.55
CA GLN B 51 30.77 -5.95 -22.87
C GLN B 51 31.75 -5.37 -23.86
N CYS B 52 32.45 -6.24 -24.58
CA CYS B 52 33.43 -5.80 -25.54
C CYS B 52 33.16 -6.41 -26.90
N VAL B 53 33.73 -5.75 -27.91
CA VAL B 53 33.82 -6.32 -29.24
C VAL B 53 35.27 -6.78 -29.42
N ASP B 54 35.44 -8.06 -29.71
CA ASP B 54 36.76 -8.64 -29.93
C ASP B 54 37.09 -8.51 -31.40
N HIS B 55 38.20 -7.85 -31.71
CA HIS B 55 38.58 -7.57 -33.09
C HIS B 55 39.68 -8.51 -33.64
N ARG B 56 40.26 -9.33 -32.76
CA ARG B 56 41.13 -10.42 -33.20
C ARG B 56 40.32 -11.72 -33.29
N ARG B 57 38.99 -11.56 -33.44
CA ARG B 57 38.06 -12.67 -33.30
C ARG B 57 36.69 -12.39 -33.97
N GLY B 58 36.72 -11.85 -35.19
CA GLY B 58 35.54 -11.74 -36.04
C GLY B 58 34.59 -10.58 -35.78
N GLY B 59 34.74 -9.90 -34.65
CA GLY B 59 33.78 -8.88 -34.21
C GLY B 59 32.90 -9.42 -33.09
N ALA B 60 33.12 -10.69 -32.74
CA ALA B 60 32.41 -11.36 -31.66
C ALA B 60 32.31 -10.50 -30.41
N ARG B 61 31.12 -10.48 -29.84
CA ARG B 61 30.87 -9.80 -28.57
C ARG B 61 31.31 -10.72 -27.43
N VAL B 62 32.17 -10.21 -26.54
CA VAL B 62 32.59 -10.99 -25.39
C VAL B 62 32.26 -10.25 -24.09
N ALA B 63 32.36 -10.96 -22.98
CA ALA B 63 32.30 -10.37 -21.63
C ALA B 63 33.70 -10.39 -21.02
N LEU B 64 34.25 -9.19 -20.81
CA LEU B 64 35.59 -9.04 -20.26
C LEU B 64 35.46 -8.77 -18.78
N LYS B 65 36.12 -9.56 -17.96
CA LYS B 65 36.14 -9.35 -16.51
C LYS B 65 37.44 -8.62 -16.21
N ILE B 66 37.36 -7.38 -15.75
CA ILE B 66 38.55 -6.62 -15.38
C ILE B 66 38.71 -6.57 -13.88
N ILE B 67 39.78 -7.17 -13.39
CA ILE B 67 39.96 -7.37 -11.97
C ILE B 67 40.70 -6.16 -11.40
N LYS B 68 40.37 -5.83 -10.15
CA LYS B 68 41.06 -4.77 -9.46
C LYS B 68 42.58 -4.97 -9.42
N ASN B 69 43.26 -3.85 -9.25
CA ASN B 69 44.71 -3.74 -9.21
C ASN B 69 45.17 -3.92 -7.76
N VAL B 70 44.75 -5.01 -7.11
CA VAL B 70 45.01 -5.20 -5.68
C VAL B 70 45.40 -6.65 -5.36
N GLU B 71 46.38 -6.83 -4.48
CA GLU B 71 47.06 -8.12 -4.32
C GLU B 71 46.09 -9.29 -4.12
N LYS B 72 45.11 -9.13 -3.23
CA LYS B 72 44.19 -10.23 -2.92
C LYS B 72 43.30 -10.58 -4.11
N TYR B 73 42.84 -9.59 -4.84
CA TYR B 73 41.93 -9.85 -5.94
C TYR B 73 42.71 -10.39 -7.11
N LYS B 74 43.94 -9.91 -7.27
CA LYS B 74 44.78 -10.37 -8.36
C LYS B 74 45.23 -11.80 -8.11
N GLU B 75 45.49 -12.15 -6.85
CA GLU B 75 45.82 -13.54 -6.50
C GLU B 75 44.66 -14.48 -6.85
N ALA B 76 43.47 -14.11 -6.38
CA ALA B 76 42.24 -14.87 -6.67
C ALA B 76 42.02 -15.06 -8.16
N ALA B 77 42.37 -14.05 -8.95
CA ALA B 77 42.19 -14.08 -10.40
C ALA B 77 43.19 -15.02 -11.10
N ARG B 78 44.41 -15.11 -10.58
CA ARG B 78 45.41 -16.02 -11.14
C ARG B 78 44.90 -17.43 -10.87
N LEU B 79 44.53 -17.69 -9.62
CA LEU B 79 43.89 -18.95 -9.25
C LEU B 79 42.67 -19.25 -10.13
N GLU B 80 41.80 -18.26 -10.35
CA GLU B 80 40.62 -18.45 -11.20
C GLU B 80 41.02 -18.86 -12.61
N ILE B 81 42.10 -18.25 -13.09
CA ILE B 81 42.56 -18.50 -14.45
C ILE B 81 42.94 -19.97 -14.66
N ASN B 82 43.82 -20.54 -13.86
CA ASN B 82 44.20 -21.94 -14.13
C ASN B 82 43.08 -22.93 -13.77
N VAL B 83 42.16 -22.54 -12.89
CA VAL B 83 40.96 -23.35 -12.70
C VAL B 83 40.18 -23.40 -14.02
N LEU B 84 40.08 -22.27 -14.70
CA LEU B 84 39.45 -22.25 -16.02
C LEU B 84 40.27 -22.99 -17.12
N GLU B 85 41.61 -22.99 -17.02
CA GLU B 85 42.46 -23.71 -17.99
C GLU B 85 42.26 -25.20 -17.86
N LYS B 86 42.35 -25.72 -16.63
CA LYS B 86 42.11 -27.15 -16.37
C LYS B 86 40.68 -27.60 -16.73
N ILE B 87 39.72 -26.66 -16.75
CA ILE B 87 38.35 -26.92 -17.24
C ILE B 87 38.29 -27.12 -18.76
N ASN B 88 38.94 -26.26 -19.53
CA ASN B 88 39.00 -26.43 -20.99
C ASN B 88 39.79 -27.67 -21.36
N GLU B 89 40.77 -27.99 -20.52
CA GLU B 89 41.62 -29.16 -20.65
C GLU B 89 40.86 -30.47 -20.52
N LYS B 90 39.78 -30.46 -19.73
CA LYS B 90 38.97 -31.68 -19.48
C LYS B 90 37.62 -31.68 -20.21
N ASP B 91 37.29 -30.57 -20.86
CA ASP B 91 36.08 -30.49 -21.69
C ASP B 91 36.34 -29.51 -22.82
N PRO B 92 36.86 -30.01 -23.96
CA PRO B 92 37.16 -29.15 -25.10
C PRO B 92 35.92 -28.55 -25.77
N ASP B 93 34.82 -29.31 -25.82
CA ASP B 93 33.61 -28.91 -26.55
C ASP B 93 32.60 -28.06 -25.72
N ASN B 94 33.04 -27.51 -24.58
CA ASN B 94 32.16 -26.76 -23.66
C ASN B 94 30.79 -27.42 -23.31
N LYS B 95 30.76 -28.76 -23.27
CA LYS B 95 29.55 -29.52 -22.88
C LYS B 95 29.34 -29.56 -21.35
N ASN B 96 30.37 -29.19 -20.59
CA ASN B 96 30.39 -29.25 -19.11
C ASN B 96 29.50 -28.24 -18.33
N LEU B 97 28.96 -27.23 -19.01
CA LEU B 97 28.07 -26.21 -18.39
C LEU B 97 28.76 -25.20 -17.46
N CYS B 98 30.10 -25.17 -17.46
CA CYS B 98 30.85 -24.03 -16.89
C CYS B 98 31.16 -23.06 -18.01
N VAL B 99 31.27 -21.79 -17.67
CA VAL B 99 31.47 -20.74 -18.66
C VAL B 99 32.77 -20.93 -19.42
N GLN B 100 32.78 -20.51 -20.69
CA GLN B 100 33.95 -20.69 -21.54
C GLN B 100 34.79 -19.43 -21.53
N MET B 101 35.99 -19.57 -21.00
CA MET B 101 37.01 -18.53 -21.09
C MET B 101 37.68 -18.59 -22.45
N PHE B 102 37.76 -17.45 -23.13
CA PHE B 102 38.44 -17.38 -24.41
C PHE B 102 39.92 -17.12 -24.24
N ASP B 103 40.28 -16.00 -23.62
CA ASP B 103 41.68 -15.77 -23.23
C ASP B 103 41.82 -14.95 -21.93
N TRP B 104 43.06 -14.63 -21.57
CA TRP B 104 43.32 -13.81 -20.40
C TRP B 104 44.65 -13.06 -20.54
N PHE B 105 44.78 -11.96 -19.81
CA PHE B 105 46.00 -11.17 -19.83
C PHE B 105 46.07 -10.20 -18.67
N ASP B 106 47.30 -9.89 -18.28
CA ASP B 106 47.59 -8.84 -17.31
C ASP B 106 47.52 -7.54 -18.10
N TYR B 107 46.89 -6.52 -17.53
CA TYR B 107 46.84 -5.20 -18.15
C TYR B 107 47.20 -4.14 -17.11
N HIS B 108 48.48 -3.75 -17.10
CA HIS B 108 49.03 -2.81 -16.13
C HIS B 108 48.63 -3.13 -14.67
N GLY B 109 48.60 -4.42 -14.36
CA GLY B 109 48.24 -4.89 -13.03
C GLY B 109 46.81 -5.41 -12.93
N HIS B 110 45.96 -5.08 -13.89
CA HIS B 110 44.59 -5.59 -13.86
C HIS B 110 44.53 -6.86 -14.68
N MET B 111 44.26 -7.98 -14.03
CA MET B 111 44.05 -9.23 -14.76
C MET B 111 42.75 -9.09 -15.52
N CYS B 112 42.76 -9.56 -16.76
CA CYS B 112 41.58 -9.48 -17.61
C CYS B 112 41.30 -10.85 -18.17
N ILE B 113 40.03 -11.24 -18.16
CA ILE B 113 39.60 -12.55 -18.63
C ILE B 113 38.43 -12.39 -19.59
N SER B 114 38.53 -13.04 -20.74
CA SER B 114 37.54 -12.93 -21.83
C SER B 114 36.63 -14.14 -21.82
N PHE B 115 35.32 -13.89 -21.79
CA PHE B 115 34.33 -14.97 -21.75
C PHE B 115 33.28 -14.78 -22.84
N GLU B 116 32.70 -15.88 -23.28
CA GLU B 116 31.49 -15.81 -24.10
C GLU B 116 30.48 -14.91 -23.41
N LEU B 117 29.87 -14.03 -24.19
CA LEU B 117 28.82 -13.14 -23.67
C LEU B 117 27.56 -13.97 -23.36
N LEU B 118 27.12 -13.93 -22.11
CA LEU B 118 25.90 -14.63 -21.71
C LEU B 118 24.77 -13.62 -21.47
N GLY B 119 23.80 -13.95 -20.63
CA GLY B 119 22.72 -13.04 -20.30
C GLY B 119 22.75 -12.63 -18.84
N LEU B 120 21.60 -12.19 -18.31
CA LEU B 120 21.50 -11.84 -16.90
C LEU B 120 21.66 -13.05 -16.01
N SER B 121 22.12 -12.80 -14.78
CA SER B 121 22.25 -13.84 -13.79
C SER B 121 20.88 -14.28 -13.34
N THR B 122 20.81 -15.46 -12.74
CA THR B 122 19.53 -16.01 -12.27
C THR B 122 19.01 -15.18 -11.12
N PHE B 123 19.92 -14.56 -10.36
CA PHE B 123 19.52 -13.55 -9.37
C PHE B 123 18.94 -12.30 -9.99
N ASP B 124 19.68 -11.71 -10.92
CA ASP B 124 19.28 -10.42 -11.45
C ASP B 124 18.00 -10.52 -12.24
N PHE B 125 17.75 -11.67 -12.87
CA PHE B 125 16.51 -11.82 -13.60
C PHE B 125 15.37 -11.77 -12.61
N LEU B 126 15.54 -12.53 -11.53
CA LEU B 126 14.58 -12.62 -10.44
C LEU B 126 14.30 -11.26 -9.83
N LYS B 127 15.38 -10.57 -9.44
CA LYS B 127 15.33 -9.24 -8.89
C LYS B 127 14.58 -8.30 -9.83
N ASP B 128 14.97 -8.29 -11.09
CA ASP B 128 14.34 -7.41 -12.10
C ASP B 128 12.88 -7.80 -12.34
N ASN B 129 12.48 -8.96 -11.86
CA ASN B 129 11.12 -9.47 -11.97
C ASN B 129 10.37 -9.43 -10.62
N ASN B 130 10.71 -8.45 -9.78
CA ASN B 130 10.09 -8.26 -8.44
C ASN B 130 10.15 -9.47 -7.51
N TYR B 131 11.21 -10.26 -7.62
CA TYR B 131 11.38 -11.45 -6.79
C TYR B 131 10.24 -12.47 -6.89
N LEU B 132 9.50 -12.43 -8.00
CA LEU B 132 8.53 -13.47 -8.29
C LEU B 132 9.31 -14.74 -8.68
N PRO B 133 9.00 -15.86 -8.00
CA PRO B 133 9.77 -17.09 -8.17
C PRO B 133 9.62 -17.76 -9.53
N TYR B 134 10.63 -18.52 -9.90
CA TYR B 134 10.58 -19.28 -11.13
C TYR B 134 9.53 -20.39 -11.02
N PRO B 135 8.78 -20.64 -12.09
CA PRO B 135 7.90 -21.80 -12.12
C PRO B 135 8.69 -23.10 -11.93
N ILE B 136 8.01 -24.12 -11.41
CA ILE B 136 8.67 -25.36 -10.99
C ILE B 136 9.39 -26.06 -12.12
N HIS B 137 8.83 -26.02 -13.34
CA HIS B 137 9.48 -26.69 -14.48
C HIS B 137 10.81 -26.02 -14.80
N GLN B 138 10.84 -24.69 -14.67
CA GLN B 138 12.07 -23.92 -14.86
C GLN B 138 13.04 -24.18 -13.73
N VAL B 139 12.56 -24.21 -12.50
CA VAL B 139 13.39 -24.57 -11.36
C VAL B 139 14.06 -25.92 -11.58
N ARG B 140 13.29 -26.88 -12.08
CA ARG B 140 13.81 -28.22 -12.30
C ARG B 140 14.97 -28.19 -13.29
N HIS B 141 14.76 -27.51 -14.42
CA HIS B 141 15.77 -27.48 -15.46
C HIS B 141 17.00 -26.76 -14.94
N MET B 142 16.79 -25.64 -14.26
CA MET B 142 17.91 -24.88 -13.71
C MET B 142 18.72 -25.73 -12.72
N ALA B 143 18.02 -26.26 -11.71
CA ALA B 143 18.63 -27.13 -10.70
C ALA B 143 19.41 -28.30 -11.32
N PHE B 144 18.79 -28.93 -12.30
CA PHE B 144 19.42 -30.03 -12.97
C PHE B 144 20.78 -29.63 -13.53
N GLN B 145 20.81 -28.52 -14.27
CA GLN B 145 22.02 -28.08 -14.94
C GLN B 145 23.11 -27.70 -13.91
N LEU B 146 22.68 -26.94 -12.90
CA LEU B 146 23.55 -26.57 -11.80
C LEU B 146 24.20 -27.80 -11.20
N CYS B 147 23.43 -28.87 -11.00
CA CYS B 147 24.01 -30.11 -10.47
C CYS B 147 25.03 -30.75 -11.42
N GLN B 148 24.70 -30.83 -12.71
CA GLN B 148 25.67 -31.33 -13.69
C GLN B 148 26.94 -30.50 -13.64
N ALA B 149 26.77 -29.18 -13.77
CA ALA B 149 27.90 -28.25 -13.82
C ALA B 149 28.87 -28.40 -12.65
N VAL B 150 28.32 -28.50 -11.44
CA VAL B 150 29.14 -28.60 -10.24
C VAL B 150 29.67 -30.03 -10.06
N LYS B 151 28.89 -31.04 -10.44
CA LYS B 151 29.38 -32.41 -10.39
C LYS B 151 30.63 -32.55 -11.26
N PHE B 152 30.63 -31.90 -12.42
CA PHE B 152 31.83 -31.87 -13.24
C PHE B 152 33.02 -31.37 -12.43
N LEU B 153 32.85 -30.26 -11.71
CA LEU B 153 33.90 -29.76 -10.86
C LEU B 153 34.29 -30.77 -9.79
N HIS B 154 33.27 -31.29 -9.12
CA HIS B 154 33.50 -32.25 -8.05
C HIS B 154 34.28 -33.47 -8.53
N ASP B 155 33.92 -33.99 -9.70
CA ASP B 155 34.62 -35.14 -10.29
C ASP B 155 36.10 -34.88 -10.47
N ASN B 156 36.46 -33.65 -10.89
CA ASN B 156 37.87 -33.27 -11.11
C ASN B 156 38.53 -32.68 -9.87
N LYS B 157 38.15 -33.17 -8.69
CA LYS B 157 38.73 -32.74 -7.42
C LYS B 157 38.67 -31.22 -7.18
N LEU B 158 37.53 -30.61 -7.50
CA LEU B 158 37.31 -29.18 -7.22
C LEU B 158 36.15 -28.96 -6.27
N THR B 159 36.21 -27.84 -5.55
CA THR B 159 35.05 -27.29 -4.87
C THR B 159 34.97 -25.83 -5.19
N HIS B 160 33.85 -25.41 -5.78
CA HIS B 160 33.61 -24.01 -6.13
C HIS B 160 33.63 -23.06 -4.91
N THR B 161 32.92 -23.46 -3.86
CA THR B 161 32.81 -22.75 -2.58
C THR B 161 32.02 -21.43 -2.56
N ASP B 162 31.69 -20.86 -3.72
CA ASP B 162 30.92 -19.61 -3.76
C ASP B 162 29.78 -19.73 -4.77
N LEU B 163 29.00 -20.79 -4.63
CA LEU B 163 27.82 -20.93 -5.47
C LEU B 163 26.71 -20.02 -4.97
N LYS B 164 26.10 -19.31 -5.90
CA LYS B 164 25.00 -18.41 -5.58
C LYS B 164 24.37 -17.93 -6.87
N PRO B 165 23.12 -17.45 -6.80
CA PRO B 165 22.37 -17.11 -8.02
C PRO B 165 23.03 -16.04 -8.92
N GLU B 166 23.85 -15.17 -8.32
CA GLU B 166 24.64 -14.22 -9.10
C GLU B 166 25.71 -14.90 -9.94
N ASN B 167 26.20 -16.04 -9.48
CA ASN B 167 27.23 -16.82 -10.18
C ASN B 167 26.66 -17.92 -11.07
N ILE B 168 25.38 -17.81 -11.40
CA ILE B 168 24.73 -18.72 -12.34
C ILE B 168 24.03 -17.86 -13.39
N LEU B 169 24.57 -17.85 -14.61
CA LEU B 169 24.10 -16.95 -15.67
C LEU B 169 23.29 -17.68 -16.74
N PHE B 170 22.16 -17.08 -17.11
CA PHE B 170 21.39 -17.55 -18.24
C PHE B 170 22.21 -17.36 -19.50
N VAL B 171 22.26 -18.38 -20.37
CA VAL B 171 22.91 -18.25 -21.68
C VAL B 171 22.29 -17.07 -22.40
N ASN B 172 20.96 -17.02 -22.40
CA ASN B 172 20.21 -15.92 -22.98
C ASN B 172 18.96 -15.62 -22.14
N SER B 173 18.89 -14.40 -21.59
CA SER B 173 17.79 -14.03 -20.69
C SER B 173 16.60 -13.33 -21.38
N ASP B 174 16.46 -13.51 -22.69
CA ASP B 174 15.26 -13.06 -23.39
C ASP B 174 14.03 -13.66 -22.70
N TYR B 175 12.98 -12.86 -22.57
CA TYR B 175 11.81 -13.24 -21.78
C TYR B 175 10.50 -12.75 -22.41
N GLU B 176 9.39 -13.39 -22.03
CA GLU B 176 8.05 -12.94 -22.42
C GLU B 176 7.33 -12.39 -21.18
N LEU B 177 6.33 -11.53 -21.39
CA LEU B 177 5.47 -10.97 -20.32
C LEU B 177 4.15 -11.76 -20.20
N THR B 178 4.01 -12.56 -19.14
CA THR B 178 2.81 -13.37 -18.94
C THR B 178 2.00 -12.93 -17.70
N TYR B 179 0.79 -13.50 -17.57
CA TYR B 179 -0.09 -13.25 -16.42
C TYR B 179 -0.18 -14.54 -15.58
N ASN B 180 0.01 -14.40 -14.26
CA ASN B 180 -0.16 -15.49 -13.31
C ASN B 180 -1.62 -15.55 -12.85
N LEU B 181 -2.40 -16.47 -13.43
CA LEU B 181 -3.87 -16.54 -13.18
C LEU B 181 -4.21 -17.10 -11.81
N GLU B 182 -3.19 -17.60 -11.12
CA GLU B 182 -3.27 -17.96 -9.71
C GLU B 182 -2.94 -16.77 -8.81
N LYS B 183 -1.80 -16.12 -9.05
CA LYS B 183 -1.35 -15.01 -8.20
C LYS B 183 -1.94 -13.65 -8.61
N LYS B 184 -2.82 -13.62 -9.62
CA LYS B 184 -3.43 -12.38 -10.17
C LYS B 184 -2.42 -11.25 -10.57
N ARG B 185 -1.13 -11.55 -10.48
CA ARG B 185 -0.03 -10.63 -10.76
C ARG B 185 0.50 -10.89 -12.18
N ASP B 186 1.04 -9.87 -12.84
CA ASP B 186 1.78 -10.12 -14.08
C ASP B 186 3.21 -10.56 -13.77
N GLU B 187 3.83 -11.25 -14.71
CA GLU B 187 5.17 -11.82 -14.51
C GLU B 187 6.01 -11.67 -15.77
N ARG B 188 7.33 -11.71 -15.60
CA ARG B 188 8.26 -11.89 -16.70
C ARG B 188 8.73 -13.35 -16.69
N SER B 189 8.63 -14.04 -17.82
CA SER B 189 9.05 -15.45 -17.93
C SER B 189 10.20 -15.62 -18.92
N VAL B 190 11.32 -16.20 -18.49
CA VAL B 190 12.45 -16.40 -19.39
C VAL B 190 12.14 -17.44 -20.46
N LYS B 191 12.51 -17.15 -21.71
CA LYS B 191 12.21 -18.05 -22.84
C LYS B 191 13.02 -19.35 -22.84
N SER B 192 14.22 -19.33 -22.25
CA SER B 192 15.10 -20.51 -22.24
C SER B 192 15.92 -20.56 -20.95
N THR B 193 15.77 -21.64 -20.20
CA THR B 193 16.42 -21.74 -18.89
C THR B 193 17.82 -22.38 -18.96
N ALA B 194 18.41 -22.44 -20.16
CA ALA B 194 19.83 -22.83 -20.29
C ALA B 194 20.70 -21.88 -19.44
N VAL B 195 21.57 -22.44 -18.60
CA VAL B 195 22.44 -21.63 -17.72
C VAL B 195 23.91 -22.07 -17.73
N ARG B 196 24.78 -21.28 -17.11
CA ARG B 196 26.19 -21.62 -16.93
C ARG B 196 26.66 -21.16 -15.56
N VAL B 197 27.68 -21.82 -15.02
CA VAL B 197 28.27 -21.43 -13.73
C VAL B 197 29.54 -20.62 -13.97
N VAL B 198 29.68 -19.50 -13.25
CA VAL B 198 30.80 -18.55 -13.40
C VAL B 198 31.56 -18.34 -12.07
N ASP B 199 32.66 -17.57 -12.11
CA ASP B 199 33.38 -17.13 -10.89
C ASP B 199 34.10 -18.28 -10.18
N PHE B 200 35.31 -18.55 -10.60
CA PHE B 200 36.11 -19.59 -9.97
C PHE B 200 37.26 -18.99 -9.14
N GLY B 201 37.06 -17.76 -8.69
CA GLY B 201 38.04 -17.04 -7.87
C GLY B 201 38.33 -17.69 -6.53
N SER B 202 37.34 -18.40 -5.99
CA SER B 202 37.46 -19.08 -4.71
C SER B 202 37.48 -20.60 -4.84
N ALA B 203 37.45 -21.09 -6.08
CA ALA B 203 37.46 -22.53 -6.37
C ALA B 203 38.72 -23.18 -5.83
N THR B 204 38.60 -24.41 -5.34
CA THR B 204 39.72 -25.02 -4.64
C THR B 204 39.86 -26.51 -4.90
N PHE B 205 41.08 -26.89 -5.24
CA PHE B 205 41.45 -28.29 -5.40
C PHE B 205 41.66 -28.94 -4.04
N ASP B 206 41.58 -30.27 -4.00
CA ASP B 206 41.66 -30.98 -2.74
C ASP B 206 43.03 -30.88 -2.05
N HIS B 207 44.08 -30.80 -2.85
CA HIS B 207 45.45 -30.73 -2.33
C HIS B 207 45.81 -29.34 -1.80
N GLU B 208 45.15 -28.30 -2.31
CA GLU B 208 45.49 -26.92 -1.97
C GLU B 208 45.04 -26.54 -0.57
N HIS B 209 45.53 -25.40 -0.11
CA HIS B 209 45.14 -24.85 1.17
C HIS B 209 43.68 -24.39 1.08
N HIS B 210 42.91 -24.73 2.11
CA HIS B 210 41.50 -24.35 2.24
C HIS B 210 41.33 -23.14 3.17
N SER B 211 40.73 -22.05 2.68
CA SER B 211 40.39 -20.91 3.55
C SER B 211 39.49 -21.42 4.65
N THR B 212 39.52 -20.78 5.81
CA THR B 212 38.64 -21.18 6.90
C THR B 212 37.19 -20.87 6.54
N ILE B 213 36.91 -19.60 6.25
CA ILE B 213 35.56 -19.16 5.87
C ILE B 213 35.46 -19.06 4.33
N VAL B 214 34.41 -19.63 3.73
CA VAL B 214 34.45 -19.75 2.27
C VAL B 214 33.26 -19.33 1.42
N SER B 215 32.05 -19.36 1.94
CA SER B 215 30.94 -18.98 1.08
C SER B 215 30.37 -17.60 1.35
N THR B 216 29.50 -17.11 0.48
CA THR B 216 28.69 -15.95 0.83
C THR B 216 27.68 -16.40 1.88
N ARG B 217 27.51 -15.59 2.92
CA ARG B 217 26.70 -15.92 4.12
C ARG B 217 25.51 -16.82 3.87
N HIS B 218 24.63 -16.40 2.97
CA HIS B 218 23.33 -17.09 2.81
C HIS B 218 23.45 -18.54 2.35
N TYR B 219 24.60 -18.87 1.80
CA TYR B 219 24.85 -20.20 1.19
C TYR B 219 25.95 -20.99 1.92
N ARG B 220 26.38 -20.47 3.09
CA ARG B 220 27.46 -21.06 3.87
C ARG B 220 26.98 -22.29 4.62
N ALA B 221 27.75 -23.37 4.53
CA ALA B 221 27.34 -24.66 5.07
C ALA B 221 27.78 -24.78 6.53
N PRO B 222 26.99 -25.46 7.37
CA PRO B 222 27.26 -25.49 8.82
C PRO B 222 28.69 -25.93 9.20
N GLU B 223 29.25 -26.88 8.46
CA GLU B 223 30.61 -27.29 8.76
C GLU B 223 31.59 -26.13 8.58
N VAL B 224 31.28 -25.22 7.67
CA VAL B 224 32.08 -24.00 7.50
C VAL B 224 31.91 -23.08 8.69
N ILE B 225 30.67 -22.77 9.03
CA ILE B 225 30.38 -21.95 10.20
C ILE B 225 31.10 -22.45 11.44
N LEU B 226 31.13 -23.75 11.65
CA LEU B 226 31.71 -24.32 12.86
C LEU B 226 33.16 -24.79 12.69
N GLU B 227 33.78 -24.42 11.56
CA GLU B 227 35.20 -24.69 11.29
C GLU B 227 35.58 -26.11 11.61
N LEU B 228 34.82 -27.04 11.06
CA LEU B 228 35.08 -28.48 11.21
C LEU B 228 35.79 -29.04 9.97
N GLY B 229 36.21 -28.17 9.06
CA GLY B 229 36.72 -28.59 7.77
C GLY B 229 35.58 -28.65 6.78
N TRP B 230 35.92 -28.51 5.50
CA TRP B 230 34.94 -28.56 4.43
C TRP B 230 35.58 -29.09 3.18
N SER B 231 34.74 -29.56 2.27
CA SER B 231 35.19 -29.99 0.96
C SER B 231 33.96 -30.02 0.06
N GLN B 232 33.91 -30.91 -0.95
CA GLN B 232 32.81 -30.92 -1.92
C GLN B 232 31.41 -30.72 -1.31
N PRO B 233 31.11 -31.39 -0.17
CA PRO B 233 29.74 -31.32 0.37
C PRO B 233 29.17 -29.93 0.65
N CYS B 234 30.02 -28.96 0.99
CA CYS B 234 29.53 -27.62 1.26
C CYS B 234 28.92 -26.95 0.01
N ASP B 235 29.42 -27.25 -1.17
CA ASP B 235 28.77 -26.82 -2.41
C ASP B 235 27.34 -27.30 -2.46
N VAL B 236 27.12 -28.56 -2.11
CA VAL B 236 25.79 -29.19 -2.23
C VAL B 236 24.81 -28.45 -1.34
N TRP B 237 25.31 -28.03 -0.18
CA TRP B 237 24.54 -27.17 0.72
C TRP B 237 24.18 -25.87 0.00
N SER B 238 25.18 -25.21 -0.59
CA SER B 238 24.89 -23.98 -1.32
C SER B 238 23.82 -24.24 -2.38
N ILE B 239 23.95 -25.35 -3.11
CA ILE B 239 22.99 -25.64 -4.15
C ILE B 239 21.54 -25.76 -3.62
N GLY B 240 21.38 -26.44 -2.48
CA GLY B 240 20.06 -26.58 -1.86
C GLY B 240 19.41 -25.23 -1.62
N CYS B 241 20.15 -24.37 -0.93
CA CYS B 241 19.76 -22.99 -0.67
C CYS B 241 19.35 -22.25 -1.93
N ILE B 242 20.06 -22.47 -3.03
CA ILE B 242 19.77 -21.80 -4.29
C ILE B 242 18.45 -22.30 -4.90
N ILE B 243 18.27 -23.62 -4.93
CA ILE B 243 17.04 -24.23 -5.46
C ILE B 243 15.86 -23.65 -4.70
N PHE B 244 15.97 -23.58 -3.39
CA PHE B 244 14.91 -23.02 -2.55
C PHE B 244 14.58 -21.59 -2.97
N GLU B 245 15.63 -20.80 -3.14
CA GLU B 245 15.50 -19.38 -3.54
C GLU B 245 14.85 -19.23 -4.92
N TYR B 246 15.17 -20.15 -5.80
CA TYR B 246 14.55 -20.15 -7.11
C TYR B 246 13.05 -20.41 -7.00
N TYR B 247 12.67 -21.23 -6.02
CA TYR B 247 11.29 -21.69 -5.90
C TYR B 247 10.36 -20.72 -5.17
N VAL B 248 10.88 -20.04 -4.12
CA VAL B 248 10.07 -19.07 -3.33
C VAL B 248 10.40 -17.61 -3.64
N GLY B 249 11.58 -17.36 -4.17
CA GLY B 249 11.97 -16.02 -4.58
C GLY B 249 12.77 -15.18 -3.58
N PHE B 250 13.03 -15.73 -2.40
CA PHE B 250 13.82 -15.00 -1.39
C PHE B 250 14.79 -15.97 -0.74
N THR B 251 15.79 -15.44 -0.05
CA THR B 251 16.84 -16.28 0.52
C THR B 251 16.32 -17.11 1.70
N LEU B 252 16.86 -18.33 1.84
CA LEU B 252 16.42 -19.25 2.89
C LEU B 252 16.92 -18.81 4.25
N PHE B 253 18.17 -18.35 4.27
CA PHE B 253 18.79 -17.86 5.51
C PHE B 253 19.11 -16.38 5.42
N GLN B 254 18.15 -15.54 5.79
CA GLN B 254 18.38 -14.11 5.72
C GLN B 254 18.93 -13.62 7.05
N THR B 255 20.25 -13.59 7.14
CA THR B 255 20.94 -13.31 8.39
C THR B 255 22.38 -12.96 8.09
N HIS B 256 23.05 -12.32 9.04
CA HIS B 256 24.48 -12.00 8.89
C HIS B 256 25.35 -12.37 10.09
N ASP B 257 24.77 -13.07 11.07
CA ASP B 257 25.43 -13.43 12.30
C ASP B 257 25.40 -14.94 12.37
N ASN B 258 26.52 -15.53 12.77
CA ASN B 258 26.63 -16.96 13.01
C ASN B 258 25.57 -17.53 13.93
N ARG B 259 25.41 -16.96 15.12
CA ARG B 259 24.48 -17.55 16.08
C ARG B 259 23.06 -17.50 15.53
N GLU B 260 22.70 -16.40 14.90
CA GLU B 260 21.35 -16.27 14.34
C GLU B 260 21.15 -17.24 13.19
N HIS B 261 22.21 -17.43 12.43
CA HIS B 261 22.17 -18.31 11.28
C HIS B 261 21.90 -19.72 11.77
N LEU B 262 22.64 -20.15 12.79
CA LEU B 262 22.49 -21.46 13.40
C LEU B 262 21.10 -21.59 14.00
N ALA B 263 20.67 -20.56 14.72
CA ALA B 263 19.29 -20.51 15.25
C ALA B 263 18.29 -20.78 14.15
N MET B 264 18.49 -20.15 13.00
CA MET B 264 17.59 -20.32 11.86
C MET B 264 17.63 -21.77 11.32
N MET B 265 18.82 -22.35 11.20
CA MET B 265 18.93 -23.71 10.71
C MET B 265 18.11 -24.61 11.61
N GLU B 266 18.24 -24.40 12.91
CA GLU B 266 17.56 -25.23 13.89
C GLU B 266 16.03 -25.14 13.78
N ARG B 267 15.50 -23.95 13.45
CA ARG B 267 14.06 -23.75 13.23
C ARG B 267 13.59 -24.37 11.94
N ILE B 268 14.37 -24.17 10.88
CA ILE B 268 14.00 -24.59 9.53
C ILE B 268 14.26 -26.08 9.32
N LEU B 269 15.39 -26.55 9.84
CA LEU B 269 15.90 -27.90 9.54
C LEU B 269 15.84 -28.84 10.72
N GLY B 270 15.66 -28.30 11.93
CA GLY B 270 15.70 -29.11 13.12
C GLY B 270 17.05 -29.02 13.79
N PRO B 271 17.25 -29.75 14.88
CA PRO B 271 18.45 -29.51 15.68
C PRO B 271 19.74 -30.12 15.12
N ILE B 272 20.83 -29.36 15.28
CA ILE B 272 22.20 -29.75 14.93
C ILE B 272 22.68 -31.00 15.66
N PRO B 273 23.24 -31.97 14.92
CA PRO B 273 23.72 -33.22 15.54
C PRO B 273 24.72 -32.96 16.65
N SER B 274 24.60 -33.68 17.75
CA SER B 274 25.49 -33.48 18.89
C SER B 274 26.97 -33.57 18.52
N ARG B 275 27.34 -34.45 17.60
CA ARG B 275 28.74 -34.65 17.23
C ARG B 275 29.40 -33.35 16.79
N MET B 276 28.70 -32.58 15.96
CA MET B 276 29.24 -31.33 15.45
C MET B 276 29.39 -30.28 16.56
N ILE B 277 28.39 -30.14 17.43
CA ILE B 277 28.49 -29.30 18.64
C ILE B 277 29.69 -29.69 19.50
N ARG B 278 29.88 -30.99 19.69
CA ARG B 278 30.95 -31.50 20.54
C ARG B 278 32.32 -31.42 19.91
N LYS B 279 32.40 -31.30 18.58
CA LYS B 279 33.69 -31.33 17.85
C LYS B 279 34.18 -29.95 17.36
N THR B 280 33.31 -28.94 17.40
CA THR B 280 33.67 -27.61 16.85
C THR B 280 34.60 -26.86 17.81
N ARG B 281 35.64 -26.26 17.24
CA ARG B 281 36.52 -25.35 17.99
C ARG B 281 35.72 -24.13 18.49
N LYS B 282 34.66 -23.76 17.74
CA LYS B 282 33.81 -22.59 18.08
C LYS B 282 32.90 -22.88 19.29
N GLN B 283 33.54 -23.30 20.38
CA GLN B 283 32.84 -23.86 21.52
C GLN B 283 32.00 -22.76 22.20
N LYS B 284 32.43 -21.52 22.03
CA LYS B 284 31.67 -20.35 22.48
C LYS B 284 30.24 -20.26 21.95
N TYR B 285 29.96 -20.91 20.83
CA TYR B 285 28.60 -20.85 20.28
C TYR B 285 27.58 -21.75 20.99
N PHE B 286 28.03 -22.60 21.93
CA PHE B 286 27.15 -23.50 22.70
C PHE B 286 27.56 -23.63 24.17
N TYR B 287 26.62 -23.36 25.10
CA TYR B 287 26.72 -23.83 26.49
C TYR B 287 26.00 -25.17 26.61
N ARG B 288 26.71 -26.19 27.12
CA ARG B 288 26.11 -27.48 27.55
C ARG B 288 25.18 -28.15 26.50
N GLY B 289 25.57 -28.11 25.23
CA GLY B 289 24.79 -28.74 24.15
C GLY B 289 23.66 -27.89 23.56
N ARG B 290 23.36 -26.75 24.19
CA ARG B 290 22.36 -25.80 23.69
C ARG B 290 23.04 -24.57 23.05
N LEU B 291 22.49 -24.13 21.91
CA LEU B 291 23.04 -23.00 21.17
C LEU B 291 22.79 -21.72 21.95
N ASP B 292 23.86 -21.04 22.37
CA ASP B 292 23.74 -19.77 23.12
C ASP B 292 22.97 -18.69 22.33
N TRP B 293 21.65 -18.71 22.47
CA TRP B 293 20.74 -17.87 21.70
C TRP B 293 19.46 -17.63 22.50
N ASP B 294 19.18 -16.35 22.75
CA ASP B 294 18.05 -15.93 23.57
C ASP B 294 16.77 -15.91 22.72
N GLU B 295 15.96 -16.96 22.81
CA GLU B 295 14.75 -17.07 21.98
C GLU B 295 13.72 -15.96 22.25
N ASN B 296 13.86 -15.25 23.37
CA ASN B 296 12.90 -14.23 23.76
C ASN B 296 13.41 -12.77 23.65
N THR B 297 14.63 -12.57 23.15
CA THR B 297 15.02 -11.25 22.66
C THR B 297 14.10 -10.95 21.47
N SER B 298 14.16 -9.72 21.00
CA SER B 298 13.39 -9.36 19.85
C SER B 298 13.88 -10.15 18.64
N ALA B 299 15.21 -10.37 18.54
CA ALA B 299 15.78 -11.19 17.46
C ALA B 299 15.27 -12.60 17.60
N GLY B 300 15.31 -13.10 18.83
CA GLY B 300 14.82 -14.45 19.10
C GLY B 300 13.44 -14.67 18.55
N ARG B 301 12.52 -13.79 18.92
CA ARG B 301 11.13 -13.88 18.50
C ARG B 301 11.06 -13.84 16.99
N TYR B 302 11.82 -12.94 16.41
CA TYR B 302 11.90 -12.79 14.96
C TYR B 302 12.22 -14.11 14.24
N VAL B 303 13.32 -14.76 14.58
CA VAL B 303 13.61 -16.03 13.94
C VAL B 303 12.51 -17.03 14.24
N ARG B 304 12.13 -17.18 15.49
CA ARG B 304 11.13 -18.19 15.82
C ARG B 304 9.86 -18.04 14.98
N GLU B 305 9.43 -16.79 14.76
CA GLU B 305 8.17 -16.48 14.08
C GLU B 305 8.29 -16.43 12.55
N ASN B 306 9.37 -15.83 12.05
CA ASN B 306 9.59 -15.77 10.61
C ASN B 306 10.28 -16.97 9.98
N CYS B 307 10.91 -17.82 10.79
CA CYS B 307 11.49 -19.06 10.25
C CYS B 307 10.61 -20.25 10.52
N LYS B 308 10.52 -21.08 9.50
CA LYS B 308 9.49 -22.05 9.33
C LYS B 308 10.18 -23.34 8.90
N PRO B 309 9.70 -24.51 9.37
CA PRO B 309 10.33 -25.76 8.86
C PRO B 309 10.25 -25.81 7.34
N LEU B 310 11.18 -26.53 6.74
CA LEU B 310 11.41 -26.40 5.30
C LEU B 310 10.18 -26.59 4.39
N ARG B 311 9.39 -27.64 4.63
CA ARG B 311 8.29 -27.98 3.71
C ARG B 311 7.13 -27.00 3.80
N ARG B 312 7.13 -26.12 4.79
CA ARG B 312 6.03 -25.19 4.90
C ARG B 312 6.06 -24.11 3.85
N TYR B 313 7.15 -24.06 3.11
CA TYR B 313 7.28 -23.14 2.01
C TYR B 313 6.66 -23.65 0.71
N LEU B 314 6.15 -24.89 0.71
CA LEU B 314 5.47 -25.44 -0.45
C LEU B 314 4.32 -24.55 -0.96
N THR B 315 4.38 -24.21 -2.23
CA THR B 315 3.30 -23.54 -2.96
C THR B 315 2.13 -24.49 -3.26
N SER B 316 2.43 -25.77 -3.43
CA SER B 316 1.43 -26.77 -3.87
C SER B 316 1.52 -28.08 -3.09
N GLU B 317 0.53 -28.95 -3.30
CA GLU B 317 0.50 -30.28 -2.70
C GLU B 317 0.84 -31.36 -3.69
N ALA B 318 1.01 -30.98 -4.96
CA ALA B 318 1.27 -31.95 -6.02
C ALA B 318 2.57 -32.69 -5.75
N GLU B 319 2.68 -33.92 -6.25
CA GLU B 319 3.85 -34.74 -5.97
C GLU B 319 5.13 -34.07 -6.42
N GLU B 320 5.11 -33.49 -7.62
CA GLU B 320 6.34 -32.94 -8.19
C GLU B 320 6.93 -31.88 -7.28
N HIS B 321 6.08 -31.17 -6.54
CA HIS B 321 6.53 -30.20 -5.54
C HIS B 321 7.16 -30.86 -4.33
N HIS B 322 6.50 -31.88 -3.79
CA HIS B 322 7.05 -32.63 -2.66
C HIS B 322 8.39 -33.24 -3.03
N GLN B 323 8.52 -33.69 -4.28
CA GLN B 323 9.77 -34.29 -4.75
C GLN B 323 10.90 -33.27 -4.69
N LEU B 324 10.62 -32.05 -5.14
CA LEU B 324 11.58 -30.94 -5.03
C LEU B 324 12.08 -30.79 -3.60
N PHE B 325 11.15 -30.77 -2.65
CA PHE B 325 11.52 -30.55 -1.26
C PHE B 325 12.28 -31.72 -0.60
N ASP B 326 12.05 -32.95 -1.07
CA ASP B 326 12.87 -34.09 -0.64
C ASP B 326 14.32 -33.87 -1.06
N LEU B 327 14.52 -33.46 -2.31
CA LEU B 327 15.83 -33.06 -2.84
C LEU B 327 16.50 -31.98 -1.98
N ILE B 328 15.80 -30.87 -1.78
CA ILE B 328 16.31 -29.75 -0.97
C ILE B 328 16.67 -30.27 0.40
N GLU B 329 15.75 -31.01 0.99
CA GLU B 329 15.89 -31.53 2.36
C GLU B 329 17.15 -32.36 2.53
N SER B 330 17.48 -33.15 1.50
CA SER B 330 18.66 -34.02 1.51
C SER B 330 19.94 -33.22 1.35
N MET B 331 19.89 -32.20 0.49
CA MET B 331 21.03 -31.32 0.28
C MET B 331 21.35 -30.53 1.53
N LEU B 332 20.35 -30.19 2.33
CA LEU B 332 20.58 -29.47 3.60
C LEU B 332 20.67 -30.44 4.79
N GLU B 333 21.33 -31.59 4.59
CA GLU B 333 21.66 -32.50 5.68
C GLU B 333 22.83 -31.85 6.43
N TYR B 334 22.69 -31.72 7.74
CA TYR B 334 23.74 -31.11 8.56
C TYR B 334 25.11 -31.77 8.36
N GLU B 335 25.15 -33.08 8.47
CA GLU B 335 26.40 -33.81 8.47
C GLU B 335 26.94 -33.97 7.02
N PRO B 336 28.16 -33.49 6.76
CA PRO B 336 28.63 -33.46 5.38
C PRO B 336 28.76 -34.84 4.76
N ALA B 337 29.27 -35.79 5.51
CA ALA B 337 29.44 -37.15 5.00
C ALA B 337 28.10 -37.81 4.67
N LYS B 338 27.06 -37.46 5.41
CA LYS B 338 25.71 -38.00 5.18
C LYS B 338 24.97 -37.21 4.10
N ARG B 339 25.44 -36.01 3.80
CA ARG B 339 24.75 -35.15 2.86
C ARG B 339 24.79 -35.76 1.47
N LEU B 340 23.70 -35.57 0.74
CA LEU B 340 23.56 -35.98 -0.65
C LEU B 340 24.76 -35.57 -1.50
N THR B 341 25.33 -36.50 -2.25
CA THR B 341 26.33 -36.14 -3.26
C THR B 341 25.61 -35.71 -4.54
N LEU B 342 26.31 -35.05 -5.45
CA LEU B 342 25.70 -34.56 -6.68
C LEU B 342 25.44 -35.67 -7.70
N GLY B 343 26.18 -36.77 -7.60
CA GLY B 343 25.89 -37.99 -8.38
C GLY B 343 24.52 -38.56 -8.00
N GLU B 344 24.30 -38.74 -6.71
CA GLU B 344 23.00 -39.12 -6.20
C GLU B 344 21.92 -38.10 -6.64
N ALA B 345 22.26 -36.82 -6.54
CA ALA B 345 21.35 -35.73 -6.91
C ALA B 345 20.80 -35.88 -8.31
N LEU B 346 21.67 -36.16 -9.28
CA LEU B 346 21.21 -36.30 -10.66
C LEU B 346 20.27 -37.52 -10.86
N GLN B 347 20.37 -38.51 -9.96
CA GLN B 347 19.48 -39.68 -9.98
C GLN B 347 18.14 -39.46 -9.24
N HIS B 348 17.94 -38.30 -8.62
CA HIS B 348 16.77 -38.05 -7.81
C HIS B 348 15.46 -38.02 -8.61
N PRO B 349 14.36 -38.59 -8.05
CA PRO B 349 13.01 -38.59 -8.64
C PRO B 349 12.55 -37.26 -9.26
N PHE B 350 12.90 -36.16 -8.63
CA PHE B 350 12.56 -34.84 -9.12
C PHE B 350 13.04 -34.62 -10.57
N PHE B 351 14.12 -35.30 -10.95
CA PHE B 351 14.67 -35.28 -12.31
C PHE B 351 14.41 -36.59 -13.07
N ALA B 352 13.21 -37.10 -12.95
CA ALA B 352 12.80 -38.28 -13.71
C ALA B 352 12.54 -37.89 -15.18
N ARG B 353 12.16 -36.62 -15.41
CA ARG B 353 11.82 -36.17 -16.76
C ARG B 353 13.04 -35.93 -17.68
N LEU B 354 14.24 -36.31 -17.25
CA LEU B 354 15.48 -36.05 -18.03
C LEU B 354 16.49 -37.23 -18.05
N SER C 9 14.91 46.33 -25.71
CA SER C 9 14.14 46.11 -26.98
C SER C 9 14.47 44.77 -27.65
N ARG C 10 13.42 44.04 -28.06
CA ARG C 10 13.51 42.96 -29.05
C ARG C 10 14.09 43.43 -30.40
N ARG C 11 14.44 42.44 -31.21
CA ARG C 11 14.76 42.63 -32.61
C ARG C 11 13.58 42.14 -33.45
N ALA C 12 13.06 43.01 -34.32
CA ALA C 12 12.01 42.66 -35.30
C ALA C 12 12.24 41.35 -36.08
N LYS C 13 11.25 40.46 -36.03
CA LYS C 13 11.32 39.12 -36.64
C LYS C 13 11.25 39.21 -38.17
N SER C 14 10.21 39.86 -38.65
CA SER C 14 10.01 40.03 -40.08
C SER C 14 9.30 41.36 -40.36
N VAL C 15 8.78 41.49 -41.59
CA VAL C 15 8.01 42.63 -41.98
C VAL C 15 6.92 42.81 -40.94
N GLU C 16 6.12 41.77 -40.70
CA GLU C 16 5.23 41.76 -39.55
C GLU C 16 6.09 41.47 -38.33
N ASP C 17 5.83 42.15 -37.22
CA ASP C 17 6.51 41.84 -35.96
C ASP C 17 5.61 42.05 -34.72
N ASP C 18 5.88 41.29 -33.67
CA ASP C 18 5.03 41.31 -32.48
C ASP C 18 5.25 42.56 -31.62
N ALA C 19 6.27 43.36 -31.93
CA ALA C 19 6.64 44.48 -31.06
C ALA C 19 5.93 45.77 -31.44
N GLU C 20 5.17 45.74 -32.52
CA GLU C 20 4.63 46.98 -33.08
C GLU C 20 3.32 47.36 -32.43
N GLY C 21 3.06 48.67 -32.38
CA GLY C 21 1.80 49.20 -31.90
C GLY C 21 1.78 49.45 -30.40
N HIS C 22 2.78 48.94 -29.70
CA HIS C 22 2.85 49.09 -28.25
C HIS C 22 2.92 50.58 -27.87
N LEU C 23 2.21 51.01 -26.83
CA LEU C 23 2.43 52.36 -26.36
C LEU C 23 3.78 52.43 -25.69
N ILE C 24 4.65 53.33 -26.13
CA ILE C 24 5.97 53.50 -25.51
C ILE C 24 5.76 54.32 -24.24
N TYR C 25 6.11 53.75 -23.08
CA TYR C 25 6.08 54.45 -21.80
C TYR C 25 7.26 54.00 -20.99
N HIS C 26 7.49 54.70 -19.89
CA HIS C 26 8.52 54.32 -18.95
C HIS C 26 7.93 54.43 -17.54
N VAL C 27 8.43 53.64 -16.61
CA VAL C 27 7.91 53.72 -15.26
C VAL C 27 8.03 55.17 -14.80
N GLY C 28 7.00 55.62 -14.08
CA GLY C 28 6.92 56.98 -13.59
C GLY C 28 6.03 57.83 -14.46
N ASP C 29 5.77 57.39 -15.69
CA ASP C 29 4.83 58.08 -16.57
C ASP C 29 3.38 57.95 -16.05
N TRP C 30 2.55 58.94 -16.38
CA TRP C 30 1.16 58.96 -15.99
C TRP C 30 0.23 59.02 -17.19
N LEU C 31 -0.86 58.27 -17.16
CA LEU C 31 -1.91 58.38 -18.16
C LEU C 31 -3.08 59.19 -17.63
N GLN C 32 -3.74 59.93 -18.51
CA GLN C 32 -4.93 60.68 -18.17
C GLN C 32 -4.77 61.54 -16.92
N GLU C 33 -3.55 62.00 -16.65
CA GLU C 33 -3.23 62.69 -15.39
C GLU C 33 -3.75 61.94 -14.12
N ARG C 34 -4.09 60.65 -14.26
CA ARG C 34 -4.76 59.89 -13.19
C ARG C 34 -4.02 58.63 -12.75
N TYR C 35 -3.51 57.85 -13.71
CA TYR C 35 -2.90 56.56 -13.46
C TYR C 35 -1.39 56.66 -13.54
N GLU C 36 -0.70 56.30 -12.47
CA GLU C 36 0.75 56.41 -12.40
C GLU C 36 1.36 55.06 -12.66
N ILE C 37 2.24 54.92 -13.63
CA ILE C 37 2.77 53.58 -13.95
C ILE C 37 3.88 53.19 -12.99
N VAL C 38 3.58 52.28 -12.07
CA VAL C 38 4.57 51.80 -11.13
C VAL C 38 5.51 50.78 -11.78
N SER C 39 4.96 49.86 -12.59
CA SER C 39 5.78 48.78 -13.16
C SER C 39 5.05 47.98 -14.20
N THR C 40 5.80 47.17 -14.94
CA THR C 40 5.21 46.30 -15.95
C THR C 40 4.83 44.98 -15.32
N LEU C 41 3.76 44.39 -15.84
CA LEU C 41 3.29 43.11 -15.35
C LEU C 41 3.34 42.05 -16.44
N GLY C 42 3.45 42.43 -17.70
CA GLY C 42 3.63 41.45 -18.76
C GLY C 42 3.22 41.89 -20.14
N GLU C 43 3.62 41.12 -21.14
CA GLU C 43 3.35 41.42 -22.52
C GLU C 43 2.75 40.22 -23.20
N GLY C 44 1.62 40.43 -23.83
CA GLY C 44 1.04 39.41 -24.67
C GLY C 44 0.94 39.99 -26.04
N THR C 45 0.41 39.20 -26.98
CA THR C 45 0.15 39.66 -28.33
C THR C 45 -0.63 41.00 -28.28
N PHE C 46 -1.68 41.06 -27.46
CA PHE C 46 -2.61 42.23 -27.45
C PHE C 46 -2.00 43.60 -27.13
N GLY C 47 -0.92 43.59 -26.37
CA GLY C 47 -0.41 44.80 -25.73
C GLY C 47 0.37 44.40 -24.48
N ARG C 48 0.31 45.26 -23.47
CA ARG C 48 0.97 44.99 -22.20
C ARG C 48 -0.03 45.21 -21.11
N VAL C 49 0.23 44.63 -19.93
CA VAL C 49 -0.53 44.93 -18.73
C VAL C 49 0.48 45.61 -17.80
N VAL C 50 0.17 46.83 -17.34
CA VAL C 50 1.06 47.59 -16.39
C VAL C 50 0.38 47.82 -15.05
N GLN C 51 1.17 48.01 -14.00
CA GLN C 51 0.63 48.24 -12.68
C GLN C 51 0.65 49.73 -12.32
N CYS C 52 -0.46 50.22 -11.79
CA CYS C 52 -0.62 51.64 -11.56
C CYS C 52 -1.30 52.01 -10.24
N VAL C 53 -0.97 53.20 -9.73
CA VAL C 53 -1.71 53.79 -8.65
C VAL C 53 -2.76 54.65 -9.32
N ASP C 54 -3.99 54.59 -8.80
CA ASP C 54 -5.14 55.31 -9.36
C ASP C 54 -5.55 56.39 -8.34
N HIS C 55 -5.10 57.62 -8.56
CA HIS C 55 -5.37 58.71 -7.60
C HIS C 55 -6.78 59.32 -7.71
N ARG C 56 -7.55 59.01 -8.76
CA ARG C 56 -8.99 59.39 -8.81
C ARG C 56 -9.85 58.27 -8.18
N ARG C 57 -9.21 57.48 -7.32
CA ARG C 57 -9.80 56.31 -6.69
C ARG C 57 -8.92 55.96 -5.46
N GLY C 58 -8.60 57.00 -4.69
CA GLY C 58 -8.01 56.82 -3.37
C GLY C 58 -6.59 56.28 -3.26
N GLY C 59 -5.91 56.09 -4.38
CA GLY C 59 -4.53 55.54 -4.40
C GLY C 59 -4.45 54.03 -4.63
N ALA C 60 -5.62 53.40 -4.74
CA ALA C 60 -5.74 52.00 -5.14
C ALA C 60 -4.69 51.59 -6.20
N ARG C 61 -4.12 50.41 -5.99
CA ARG C 61 -3.30 49.73 -6.97
C ARG C 61 -4.20 49.06 -7.97
N VAL C 62 -3.98 49.25 -9.26
CA VAL C 62 -4.81 48.61 -10.30
C VAL C 62 -4.03 48.08 -11.48
N ALA C 63 -4.63 47.18 -12.25
CA ALA C 63 -3.99 46.69 -13.46
C ALA C 63 -4.57 47.41 -14.67
N LEU C 64 -3.69 47.93 -15.51
CA LEU C 64 -4.08 48.61 -16.72
C LEU C 64 -3.59 47.78 -17.93
N LYS C 65 -4.51 47.47 -18.83
CA LYS C 65 -4.24 46.60 -19.95
C LYS C 65 -4.19 47.52 -21.14
N ILE C 66 -2.98 47.85 -21.58
CA ILE C 66 -2.76 48.83 -22.65
C ILE C 66 -2.65 48.11 -24.00
N ILE C 67 -3.70 48.22 -24.83
CA ILE C 67 -3.81 47.48 -26.09
C ILE C 67 -2.96 48.13 -27.18
N LYS C 68 -2.41 47.32 -28.08
CA LYS C 68 -1.66 47.83 -29.23
C LYS C 68 -2.54 48.76 -30.02
N ASN C 69 -1.88 49.67 -30.71
CA ASN C 69 -2.53 50.63 -31.55
C ASN C 69 -2.73 50.03 -32.93
N VAL C 70 -3.34 48.86 -33.03
CA VAL C 70 -3.45 48.14 -34.31
C VAL C 70 -4.88 47.63 -34.59
N GLU C 71 -5.25 47.59 -35.87
CA GLU C 71 -6.60 47.23 -36.20
C GLU C 71 -7.06 45.93 -35.57
N LYS C 72 -6.38 44.83 -35.86
CA LYS C 72 -6.75 43.51 -35.32
C LYS C 72 -6.98 43.62 -33.83
N TYR C 73 -5.99 44.16 -33.13
CA TYR C 73 -5.98 44.21 -31.69
C TYR C 73 -6.93 45.28 -31.09
N LYS C 74 -7.10 46.41 -31.76
CA LYS C 74 -8.02 47.43 -31.26
C LYS C 74 -9.47 46.97 -31.35
N GLU C 75 -9.83 46.26 -32.43
CA GLU C 75 -11.18 45.71 -32.61
C GLU C 75 -11.55 44.71 -31.53
N ALA C 76 -10.62 43.81 -31.21
CA ALA C 76 -10.85 42.81 -30.19
C ALA C 76 -11.00 43.45 -28.81
N ALA C 77 -10.40 44.62 -28.62
CA ALA C 77 -10.49 45.31 -27.35
C ALA C 77 -11.89 45.87 -27.14
N ARG C 78 -12.54 46.33 -28.20
CA ARG C 78 -13.89 46.86 -28.11
C ARG C 78 -14.87 45.76 -27.74
N LEU C 79 -14.66 44.58 -28.33
CA LEU C 79 -15.47 43.39 -28.09
C LEU C 79 -15.16 42.86 -26.69
N GLU C 80 -13.90 42.95 -26.27
CA GLU C 80 -13.54 42.61 -24.90
C GLU C 80 -14.24 43.51 -23.90
N ILE C 81 -14.30 44.81 -24.20
CA ILE C 81 -14.96 45.78 -23.32
C ILE C 81 -16.45 45.52 -23.27
N ASN C 82 -17.05 45.39 -24.44
CA ASN C 82 -18.46 45.06 -24.56
C ASN C 82 -18.86 43.80 -23.79
N VAL C 83 -17.95 42.83 -23.69
CA VAL C 83 -18.20 41.61 -22.89
C VAL C 83 -18.09 41.94 -21.40
N LEU C 84 -17.05 42.65 -21.01
CA LEU C 84 -16.91 43.03 -19.62
C LEU C 84 -18.06 43.91 -19.16
N GLU C 85 -18.65 44.67 -20.08
CA GLU C 85 -19.79 45.50 -19.70
C GLU C 85 -21.01 44.62 -19.40
N LYS C 86 -21.35 43.72 -20.33
CA LYS C 86 -22.48 42.79 -20.13
C LYS C 86 -22.27 41.87 -18.92
N ILE C 87 -21.03 41.64 -18.51
CA ILE C 87 -20.71 40.90 -17.30
C ILE C 87 -21.05 41.66 -16.01
N ASN C 88 -20.70 42.95 -15.96
CA ASN C 88 -21.03 43.79 -14.81
C ASN C 88 -22.53 44.01 -14.75
N GLU C 89 -23.13 44.05 -15.93
CA GLU C 89 -24.58 44.20 -16.09
C GLU C 89 -25.37 43.03 -15.51
N LYS C 90 -24.79 41.84 -15.50
CA LYS C 90 -25.45 40.63 -15.02
C LYS C 90 -24.93 40.17 -13.65
N ASP C 91 -23.89 40.81 -13.14
CA ASP C 91 -23.41 40.53 -11.79
C ASP C 91 -22.79 41.80 -11.23
N PRO C 92 -23.61 42.62 -10.55
CA PRO C 92 -23.12 43.87 -9.99
C PRO C 92 -22.11 43.67 -8.87
N ASP C 93 -22.32 42.66 -8.04
CA ASP C 93 -21.51 42.46 -6.85
C ASP C 93 -20.20 41.66 -7.06
N ASN C 94 -19.76 41.49 -8.32
CA ASN C 94 -18.58 40.66 -8.65
C ASN C 94 -18.52 39.25 -7.99
N LYS C 95 -19.69 38.63 -7.76
CA LYS C 95 -19.78 37.27 -7.22
C LYS C 95 -19.50 36.18 -8.29
N ASN C 96 -19.56 36.57 -9.54
CA ASN C 96 -19.43 35.66 -10.68
C ASN C 96 -18.03 35.04 -10.95
N LEU C 97 -16.98 35.51 -10.29
CA LEU C 97 -15.60 34.98 -10.47
C LEU C 97 -14.90 35.31 -11.78
N CYS C 98 -15.47 36.20 -12.59
CA CYS C 98 -14.73 36.84 -13.69
C CYS C 98 -14.14 38.14 -13.17
N VAL C 99 -13.03 38.57 -13.75
CA VAL C 99 -12.30 39.75 -13.25
C VAL C 99 -13.15 41.01 -13.37
N GLN C 100 -12.93 41.97 -12.48
CA GLN C 100 -13.74 43.19 -12.48
C GLN C 100 -13.02 44.33 -13.18
N MET C 101 -13.66 44.88 -14.21
CA MET C 101 -13.19 46.07 -14.91
C MET C 101 -13.63 47.31 -14.15
N PHE C 102 -12.68 48.17 -13.82
CA PHE C 102 -12.97 49.43 -13.11
C PHE C 102 -13.39 50.56 -14.04
N ASP C 103 -12.67 50.74 -15.15
CA ASP C 103 -13.24 51.44 -16.33
C ASP C 103 -12.31 51.29 -17.55
N TRP C 104 -12.59 52.03 -18.63
CA TRP C 104 -11.76 52.01 -19.83
C TRP C 104 -11.70 53.39 -20.50
N PHE C 105 -10.77 53.54 -21.42
CA PHE C 105 -10.63 54.76 -22.22
C PHE C 105 -9.73 54.52 -23.43
N ASP C 106 -9.89 55.34 -24.45
CA ASP C 106 -9.01 55.31 -25.61
C ASP C 106 -7.98 56.38 -25.36
N TYR C 107 -6.73 55.97 -25.22
CA TYR C 107 -5.61 56.86 -24.94
C TYR C 107 -4.77 56.90 -26.20
N HIS C 108 -5.13 57.83 -27.08
CA HIS C 108 -4.44 58.07 -28.33
C HIS C 108 -4.30 56.83 -29.20
N GLY C 109 -5.37 56.07 -29.34
CA GLY C 109 -5.39 54.88 -30.20
C GLY C 109 -5.31 53.60 -29.40
N HIS C 110 -4.52 53.60 -28.34
CA HIS C 110 -4.41 52.43 -27.48
C HIS C 110 -5.62 52.41 -26.56
N MET C 111 -6.41 51.37 -26.61
CA MET C 111 -7.47 51.21 -25.62
C MET C 111 -6.83 50.72 -24.33
N CYS C 112 -7.19 51.36 -23.24
CA CYS C 112 -6.74 50.97 -21.93
C CYS C 112 -7.91 50.43 -21.15
N ILE C 113 -7.70 49.34 -20.43
CA ILE C 113 -8.73 48.78 -19.59
C ILE C 113 -8.15 48.65 -18.19
N SER C 114 -8.93 49.09 -17.21
CA SER C 114 -8.53 49.12 -15.80
C SER C 114 -9.18 47.97 -15.04
N PHE C 115 -8.38 47.17 -14.35
CA PHE C 115 -8.87 46.03 -13.59
C PHE C 115 -8.38 46.08 -12.16
N GLU C 116 -9.16 45.49 -11.25
CA GLU C 116 -8.66 45.19 -9.91
C GLU C 116 -7.31 44.48 -10.03
N LEU C 117 -6.37 44.86 -9.19
CA LEU C 117 -5.06 44.23 -9.16
C LEU C 117 -5.20 42.87 -8.49
N LEU C 118 -4.81 41.83 -9.22
CA LEU C 118 -4.83 40.46 -8.71
C LEU C 118 -3.38 39.99 -8.43
N GLY C 119 -3.14 38.68 -8.48
CA GLY C 119 -1.81 38.11 -8.26
C GLY C 119 -1.32 37.39 -9.50
N LEU C 120 -0.33 36.54 -9.31
CA LEU C 120 0.24 35.79 -10.43
C LEU C 120 -0.78 34.85 -11.02
N SER C 121 -0.61 34.54 -12.30
CA SER C 121 -1.47 33.57 -12.97
C SER C 121 -1.19 32.17 -12.44
N THR C 122 -2.14 31.27 -12.64
CA THR C 122 -1.98 29.90 -12.16
C THR C 122 -0.84 29.21 -12.90
N PHE C 123 -0.60 29.62 -14.14
CA PHE C 123 0.59 29.17 -14.88
C PHE C 123 1.90 29.69 -14.27
N ASP C 124 1.99 31.00 -14.12
CA ASP C 124 3.23 31.61 -13.69
C ASP C 124 3.56 31.21 -12.28
N PHE C 125 2.59 30.93 -11.45
CA PHE C 125 2.92 30.44 -10.12
C PHE C 125 3.58 29.08 -10.25
N LEU C 126 2.95 28.22 -11.05
CA LEU C 126 3.45 26.88 -11.32
C LEU C 126 4.85 26.93 -11.88
N LYS C 127 5.03 27.71 -12.94
CA LYS C 127 6.35 27.91 -13.59
C LYS C 127 7.37 28.36 -12.55
N ASP C 128 7.06 29.41 -11.82
CA ASP C 128 7.98 29.97 -10.82
C ASP C 128 8.22 28.97 -9.68
N ASN C 129 7.45 27.89 -9.63
CA ASN C 129 7.61 26.82 -8.65
C ASN C 129 8.15 25.53 -9.29
N ASN C 130 8.98 25.68 -10.33
CA ASN C 130 9.60 24.51 -11.03
C ASN C 130 8.61 23.48 -11.57
N TYR C 131 7.45 23.92 -11.99
CA TYR C 131 6.42 23.02 -12.51
C TYR C 131 6.04 21.87 -11.57
N LEU C 132 6.28 22.05 -10.28
CA LEU C 132 5.74 21.14 -9.28
C LEU C 132 4.22 21.36 -9.14
N PRO C 133 3.42 20.30 -9.34
CA PRO C 133 1.98 20.39 -9.45
C PRO C 133 1.29 20.80 -8.17
N TYR C 134 0.08 21.34 -8.31
CA TYR C 134 -0.71 21.77 -7.17
C TYR C 134 -1.23 20.55 -6.46
N PRO C 135 -1.23 20.57 -5.13
CA PRO C 135 -1.86 19.48 -4.38
C PRO C 135 -3.31 19.35 -4.75
N ILE C 136 -3.87 18.14 -4.57
CA ILE C 136 -5.21 17.82 -5.05
C ILE C 136 -6.30 18.67 -4.42
N HIS C 137 -6.15 19.05 -3.14
CA HIS C 137 -7.20 19.86 -2.51
C HIS C 137 -7.24 21.22 -3.16
N GLN C 138 -6.07 21.75 -3.51
CA GLN C 138 -5.99 23.02 -4.23
C GLN C 138 -6.51 22.88 -5.66
N VAL C 139 -6.15 21.80 -6.34
CA VAL C 139 -6.68 21.54 -7.68
C VAL C 139 -8.20 21.54 -7.63
N ARG C 140 -8.77 20.90 -6.61
CA ARG C 140 -10.22 20.82 -6.49
C ARG C 140 -10.85 22.19 -6.37
N HIS C 141 -10.31 23.03 -5.49
CA HIS C 141 -10.86 24.38 -5.31
C HIS C 141 -10.69 25.22 -6.59
N MET C 142 -9.52 25.14 -7.21
CA MET C 142 -9.26 25.87 -8.44
C MET C 142 -10.24 25.42 -9.52
N ALA C 143 -10.30 24.11 -9.79
CA ALA C 143 -11.18 23.55 -10.83
C ALA C 143 -12.64 23.99 -10.60
N PHE C 144 -13.06 23.92 -9.36
CA PHE C 144 -14.42 24.26 -8.97
C PHE C 144 -14.74 25.68 -9.40
N GLN C 145 -13.87 26.61 -9.04
CA GLN C 145 -14.12 28.03 -9.30
C GLN C 145 -14.14 28.28 -10.79
N LEU C 146 -13.14 27.74 -11.47
CA LEU C 146 -13.05 27.81 -12.92
C LEU C 146 -14.37 27.39 -13.55
N CYS C 147 -14.94 26.28 -13.09
CA CYS C 147 -16.23 25.80 -13.63
C CYS C 147 -17.35 26.78 -13.37
N GLN C 148 -17.44 27.30 -12.13
CA GLN C 148 -18.45 28.32 -11.82
C GLN C 148 -18.29 29.48 -12.78
N ALA C 149 -17.08 30.05 -12.78
CA ALA C 149 -16.74 31.22 -13.59
C ALA C 149 -17.21 31.07 -15.04
N VAL C 150 -16.88 29.95 -15.67
CA VAL C 150 -17.16 29.75 -17.08
C VAL C 150 -18.60 29.35 -17.30
N LYS C 151 -19.21 28.67 -16.32
CA LYS C 151 -20.64 28.38 -16.40
C LYS C 151 -21.42 29.69 -16.46
N PHE C 152 -21.01 30.65 -15.64
CA PHE C 152 -21.64 31.97 -15.69
C PHE C 152 -21.65 32.51 -17.12
N LEU C 153 -20.49 32.47 -17.78
CA LEU C 153 -20.39 32.87 -19.18
C LEU C 153 -21.31 32.04 -20.04
N HIS C 154 -21.25 30.72 -19.89
CA HIS C 154 -22.07 29.79 -20.69
C HIS C 154 -23.59 30.08 -20.55
N ASP C 155 -24.03 30.34 -19.32
CA ASP C 155 -25.43 30.69 -19.06
C ASP C 155 -25.86 31.92 -19.84
N ASN C 156 -24.98 32.92 -19.96
CA ASN C 156 -25.30 34.17 -20.68
C ASN C 156 -24.88 34.14 -22.16
N LYS C 157 -25.02 32.96 -22.77
CA LYS C 157 -24.77 32.76 -24.19
C LYS C 157 -23.37 33.25 -24.61
N LEU C 158 -22.35 32.92 -23.81
CA LEU C 158 -20.94 33.22 -24.17
C LEU C 158 -20.07 31.99 -24.24
N THR C 159 -19.02 32.06 -25.04
CA THR C 159 -17.94 31.07 -25.01
C THR C 159 -16.64 31.83 -24.95
N HIS C 160 -15.86 31.59 -23.92
CA HIS C 160 -14.58 32.25 -23.77
C HIS C 160 -13.60 31.92 -24.93
N THR C 161 -13.50 30.63 -25.25
CA THR C 161 -12.64 30.10 -26.33
C THR C 161 -11.11 30.09 -26.13
N ASP C 162 -10.60 30.80 -25.14
CA ASP C 162 -9.15 30.85 -24.89
C ASP C 162 -8.84 30.63 -23.42
N LEU C 163 -9.44 29.60 -22.85
CA LEU C 163 -9.19 29.29 -21.46
C LEU C 163 -7.84 28.60 -21.37
N LYS C 164 -7.04 29.03 -20.40
CA LYS C 164 -5.71 28.49 -20.18
C LYS C 164 -5.16 29.02 -18.86
N PRO C 165 -4.13 28.36 -18.32
CA PRO C 165 -3.69 28.75 -17.00
C PRO C 165 -3.23 30.20 -16.90
N GLU C 166 -2.66 30.75 -17.98
CA GLU C 166 -2.27 32.15 -18.00
C GLU C 166 -3.44 33.11 -17.85
N ASN C 167 -4.64 32.67 -18.28
CA ASN C 167 -5.88 33.47 -18.20
C ASN C 167 -6.73 33.18 -16.94
N ILE C 168 -6.13 32.55 -15.95
CA ILE C 168 -6.75 32.30 -14.64
C ILE C 168 -5.77 32.85 -13.61
N LEU C 169 -6.19 33.91 -12.92
CA LEU C 169 -5.29 34.62 -11.97
C LEU C 169 -5.72 34.40 -10.55
N PHE C 170 -4.74 34.14 -9.68
CA PHE C 170 -4.97 34.09 -8.26
C PHE C 170 -5.35 35.48 -7.81
N VAL C 171 -6.36 35.59 -6.95
CA VAL C 171 -6.67 36.87 -6.32
C VAL C 171 -5.44 37.39 -5.57
N ASN C 172 -4.79 36.52 -4.83
CA ASN C 172 -3.55 36.85 -4.14
C ASN C 172 -2.61 35.63 -4.11
N SER C 173 -1.45 35.78 -4.75
CA SER C 173 -0.53 34.65 -4.88
C SER C 173 0.52 34.53 -3.76
N ASP C 174 0.26 35.16 -2.62
CA ASP C 174 1.10 34.97 -1.44
C ASP C 174 1.22 33.48 -1.16
N TYR C 175 2.40 33.02 -0.78
CA TYR C 175 2.69 31.60 -0.66
C TYR C 175 3.61 31.34 0.51
N GLU C 176 3.62 30.09 0.99
CA GLU C 176 4.57 29.63 1.98
C GLU C 176 5.48 28.65 1.27
N LEU C 177 6.73 28.55 1.72
CA LEU C 177 7.52 27.36 1.42
C LEU C 177 7.23 26.27 2.45
N THR C 178 6.91 25.07 1.99
CA THR C 178 6.60 23.96 2.91
C THR C 178 6.93 22.60 2.34
N TYR C 179 7.37 21.72 3.22
CA TYR C 179 7.60 20.34 2.86
C TYR C 179 6.29 19.62 2.50
N ASN C 180 6.28 18.96 1.34
CA ASN C 180 5.16 18.13 0.88
C ASN C 180 5.53 16.68 1.15
N LEU C 181 4.82 16.08 2.11
CA LEU C 181 5.20 14.80 2.70
C LEU C 181 4.97 13.63 1.75
N GLU C 182 3.85 13.68 1.04
CA GLU C 182 3.45 12.68 0.06
C GLU C 182 4.51 12.56 -1.08
N LYS C 183 5.05 13.70 -1.50
CA LYS C 183 6.05 13.77 -2.58
C LYS C 183 7.48 13.83 -2.05
N LYS C 184 7.66 13.68 -0.73
CA LYS C 184 8.95 13.83 -0.06
C LYS C 184 9.84 14.92 -0.70
N ARG C 185 9.28 16.14 -0.83
CA ARG C 185 10.02 17.30 -1.41
C ARG C 185 9.47 18.68 -1.00
N ASP C 186 10.35 19.70 -0.94
CA ASP C 186 9.93 21.11 -0.69
C ASP C 186 9.07 21.64 -1.83
N GLU C 187 8.13 22.51 -1.51
CA GLU C 187 7.43 23.23 -2.56
C GLU C 187 6.79 24.48 -2.03
N ARG C 188 6.41 25.36 -2.95
CA ARG C 188 5.77 26.62 -2.64
C ARG C 188 4.31 26.29 -2.68
N SER C 189 3.60 26.53 -1.60
CA SER C 189 2.16 26.28 -1.61
C SER C 189 1.46 27.61 -1.40
N VAL C 190 0.67 28.01 -2.38
CA VAL C 190 -0.07 29.28 -2.32
C VAL C 190 -0.98 29.28 -1.09
N LYS C 191 -1.05 30.39 -0.37
CA LYS C 191 -1.86 30.48 0.86
C LYS C 191 -3.37 30.54 0.61
N SER C 192 -3.81 30.91 -0.57
CA SER C 192 -5.24 30.99 -0.86
C SER C 192 -5.54 30.78 -2.32
N THR C 193 -6.28 29.74 -2.64
CA THR C 193 -6.51 29.35 -4.04
C THR C 193 -7.67 30.09 -4.74
N ALA C 194 -8.17 31.16 -4.13
CA ALA C 194 -9.19 32.02 -4.80
C ALA C 194 -8.63 32.52 -6.12
N VAL C 195 -9.40 32.35 -7.20
CA VAL C 195 -8.94 32.74 -8.55
C VAL C 195 -9.99 33.54 -9.32
N ARG C 196 -9.59 34.10 -10.47
CA ARG C 196 -10.51 34.79 -11.38
C ARG C 196 -10.14 34.51 -12.82
N VAL C 197 -11.11 34.56 -13.71
CA VAL C 197 -10.86 34.35 -15.14
C VAL C 197 -10.74 35.71 -15.87
N VAL C 198 -9.73 35.83 -16.72
CA VAL C 198 -9.43 37.07 -17.43
C VAL C 198 -9.38 36.85 -18.94
N ASP C 199 -9.24 37.93 -19.71
CA ASP C 199 -9.01 37.87 -21.16
C ASP C 199 -10.22 37.47 -21.98
N PHE C 200 -11.07 38.42 -22.27
CA PHE C 200 -12.26 38.12 -23.03
C PHE C 200 -12.14 38.62 -24.47
N GLY C 201 -10.90 38.74 -24.95
CA GLY C 201 -10.58 39.24 -26.29
C GLY C 201 -11.15 38.38 -27.40
N SER C 202 -11.24 37.09 -27.13
CA SER C 202 -11.76 36.12 -28.10
C SER C 202 -13.14 35.57 -27.74
N ALA C 203 -13.68 36.03 -26.61
CA ALA C 203 -14.98 35.58 -26.10
C ALA C 203 -16.08 35.88 -27.13
N THR C 204 -17.04 34.98 -27.26
CA THR C 204 -17.99 35.03 -28.36
C THR C 204 -19.42 34.65 -27.96
N PHE C 205 -20.36 35.51 -28.36
CA PHE C 205 -21.78 35.26 -28.19
C PHE C 205 -22.29 34.32 -29.27
N ASP C 206 -23.40 33.66 -28.99
CA ASP C 206 -23.91 32.62 -29.89
C ASP C 206 -24.32 33.18 -31.25
N HIS C 207 -24.83 34.42 -31.25
CA HIS C 207 -25.33 35.06 -32.48
C HIS C 207 -24.22 35.60 -33.37
N GLU C 208 -23.07 35.87 -32.78
CA GLU C 208 -21.94 36.47 -33.52
C GLU C 208 -21.22 35.47 -34.41
N HIS C 209 -20.38 36.01 -35.28
CA HIS C 209 -19.55 35.22 -36.16
C HIS C 209 -18.49 34.50 -35.33
N HIS C 210 -18.32 33.21 -35.64
CA HIS C 210 -17.34 32.36 -34.97
C HIS C 210 -16.09 32.24 -35.84
N SER C 211 -14.93 32.58 -35.30
CA SER C 211 -13.65 32.31 -35.98
C SER C 211 -13.58 30.82 -36.21
N THR C 212 -12.89 30.41 -37.26
CA THR C 212 -12.68 28.98 -37.50
C THR C 212 -11.80 28.35 -36.41
N ILE C 213 -10.58 28.84 -36.28
CA ILE C 213 -9.64 28.33 -35.27
C ILE C 213 -9.70 29.22 -34.05
N VAL C 214 -9.82 28.66 -32.84
CA VAL C 214 -10.14 29.54 -31.70
C VAL C 214 -9.35 29.43 -30.41
N SER C 215 -8.74 28.30 -30.10
CA SER C 215 -8.02 28.22 -28.82
C SER C 215 -6.52 28.21 -28.97
N THR C 216 -5.82 28.39 -27.87
CA THR C 216 -4.38 28.14 -27.88
C THR C 216 -4.20 26.63 -28.03
N ARG C 217 -3.26 26.25 -28.89
CA ARG C 217 -3.03 24.86 -29.30
C ARG C 217 -3.32 23.84 -28.23
N HIS C 218 -2.66 23.93 -27.09
CA HIS C 218 -2.71 22.88 -26.07
C HIS C 218 -4.10 22.63 -25.51
N TYR C 219 -4.99 23.60 -25.69
CA TYR C 219 -6.32 23.57 -25.12
C TYR C 219 -7.39 23.56 -26.20
N ARG C 220 -6.98 23.32 -27.45
CA ARG C 220 -7.91 23.28 -28.58
C ARG C 220 -8.66 21.97 -28.61
N ALA C 221 -9.99 22.08 -28.80
CA ALA C 221 -10.91 20.96 -28.77
C ALA C 221 -11.00 20.33 -30.16
N PRO C 222 -11.17 19.00 -30.22
CA PRO C 222 -11.13 18.31 -31.53
C PRO C 222 -12.12 18.84 -32.55
N GLU C 223 -13.31 19.27 -32.14
CA GLU C 223 -14.25 19.82 -33.11
C GLU C 223 -13.70 21.12 -33.75
N VAL C 224 -12.85 21.83 -33.03
CA VAL C 224 -12.18 22.98 -33.59
C VAL C 224 -11.15 22.52 -34.61
N ILE C 225 -10.26 21.62 -34.20
CA ILE C 225 -9.23 21.10 -35.11
C ILE C 225 -9.81 20.61 -36.43
N LEU C 226 -10.97 19.96 -36.37
CA LEU C 226 -11.60 19.37 -37.57
C LEU C 226 -12.68 20.24 -38.21
N GLU C 227 -12.77 21.50 -37.76
CA GLU C 227 -13.67 22.50 -38.31
C GLU C 227 -15.07 21.95 -38.53
N LEU C 228 -15.64 21.39 -37.45
CA LEU C 228 -17.01 20.86 -37.46
C LEU C 228 -17.97 21.86 -36.83
N GLY C 229 -17.50 23.04 -36.50
CA GLY C 229 -18.28 23.97 -35.72
C GLY C 229 -17.94 23.81 -34.25
N TRP C 230 -18.13 24.86 -33.48
CA TRP C 230 -17.88 24.84 -32.05
C TRP C 230 -18.83 25.78 -31.34
N SER C 231 -18.97 25.57 -30.04
CA SER C 231 -19.69 26.48 -29.18
C SER C 231 -19.26 26.17 -27.73
N GLN C 232 -20.15 26.36 -26.76
CA GLN C 232 -19.78 26.22 -25.34
C GLN C 232 -18.91 24.99 -25.03
N PRO C 233 -19.24 23.81 -25.60
CA PRO C 233 -18.49 22.59 -25.23
C PRO C 233 -16.97 22.64 -25.38
N CYS C 234 -16.46 23.44 -26.32
CA CYS C 234 -15.00 23.52 -26.53
C CYS C 234 -14.26 24.16 -25.35
N ASP C 235 -14.93 25.04 -24.62
CA ASP C 235 -14.42 25.54 -23.34
C ASP C 235 -14.21 24.41 -22.37
N VAL C 236 -15.20 23.51 -22.28
CA VAL C 236 -15.14 22.43 -21.30
C VAL C 236 -13.94 21.55 -21.59
N TRP C 237 -13.64 21.35 -22.86
CA TRP C 237 -12.45 20.63 -23.24
C TRP C 237 -11.24 21.38 -22.67
N SER C 238 -11.16 22.67 -22.92
CA SER C 238 -10.02 23.43 -22.46
C SER C 238 -9.92 23.21 -20.95
N ILE C 239 -11.03 23.32 -20.24
CA ILE C 239 -11.00 23.19 -18.77
C ILE C 239 -10.41 21.85 -18.33
N GLY C 240 -10.78 20.77 -18.99
CA GLY C 240 -10.23 19.45 -18.68
C GLY C 240 -8.72 19.45 -18.76
N CYS C 241 -8.21 19.90 -19.91
CA CYS C 241 -6.76 20.05 -20.14
C CYS C 241 -6.03 20.87 -19.07
N ILE C 242 -6.71 21.90 -18.56
CA ILE C 242 -6.17 22.76 -17.50
C ILE C 242 -6.10 22.00 -16.19
N ILE C 243 -7.21 21.38 -15.79
CA ILE C 243 -7.26 20.57 -14.54
C ILE C 243 -6.12 19.55 -14.51
N PHE C 244 -5.94 18.85 -15.61
CA PHE C 244 -4.84 17.90 -15.76
C PHE C 244 -3.49 18.56 -15.52
N GLU C 245 -3.29 19.70 -16.17
CA GLU C 245 -2.06 20.46 -16.04
C GLU C 245 -1.80 20.87 -14.61
N TYR C 246 -2.87 21.27 -13.93
CA TYR C 246 -2.77 21.64 -12.55
C TYR C 246 -2.34 20.46 -11.66
N TYR C 247 -2.72 19.25 -12.06
CA TYR C 247 -2.48 18.04 -11.27
C TYR C 247 -1.08 17.41 -11.49
N VAL C 248 -0.59 17.42 -12.72
CA VAL C 248 0.72 16.80 -13.05
C VAL C 248 1.81 17.84 -13.29
N GLY C 249 1.43 19.08 -13.58
CA GLY C 249 2.41 20.15 -13.74
C GLY C 249 2.94 20.44 -15.15
N PHE C 250 2.49 19.66 -16.14
CA PHE C 250 2.90 19.89 -17.54
C PHE C 250 1.67 19.71 -18.43
N THR C 251 1.74 20.23 -19.65
CA THR C 251 0.60 20.22 -20.56
C THR C 251 0.27 18.81 -21.02
N LEU C 252 -1.01 18.53 -21.20
CA LEU C 252 -1.48 17.23 -21.63
C LEU C 252 -1.15 16.96 -23.10
N PHE C 253 -1.30 17.98 -23.94
CA PHE C 253 -1.02 17.84 -25.34
C PHE C 253 0.15 18.74 -25.77
N GLN C 254 1.36 18.24 -25.64
CA GLN C 254 2.51 19.03 -26.00
C GLN C 254 2.82 18.75 -27.46
N THR C 255 2.29 19.61 -28.34
CA THR C 255 2.40 19.44 -29.78
C THR C 255 2.04 20.75 -30.42
N HIS C 256 2.41 20.92 -31.69
CA HIS C 256 2.02 22.13 -32.47
C HIS C 256 1.46 21.84 -33.87
N ASP C 257 1.22 20.56 -34.16
CA ASP C 257 0.78 20.10 -35.47
C ASP C 257 -0.52 19.37 -35.25
N ASN C 258 -1.50 19.67 -36.09
CA ASN C 258 -2.79 18.98 -36.07
C ASN C 258 -2.73 17.45 -36.07
N ARG C 259 -1.99 16.86 -37.00
CA ARG C 259 -1.98 15.41 -37.07
C ARG C 259 -1.37 14.82 -35.81
N GLU C 260 -0.27 15.38 -35.35
CA GLU C 260 0.37 14.87 -34.15
C GLU C 260 -0.56 15.00 -32.96
N HIS C 261 -1.29 16.11 -32.93
CA HIS C 261 -2.19 16.44 -31.83
C HIS C 261 -3.30 15.38 -31.79
N LEU C 262 -3.85 15.06 -32.96
CA LEU C 262 -4.88 14.03 -33.09
C LEU C 262 -4.32 12.63 -32.74
N ALA C 263 -3.12 12.32 -33.22
CA ALA C 263 -2.41 11.11 -32.80
C ALA C 263 -2.31 11.02 -31.27
N MET C 264 -2.01 12.15 -30.64
CA MET C 264 -1.86 12.17 -29.18
C MET C 264 -3.18 11.92 -28.48
N MET C 265 -4.25 12.54 -28.99
CA MET C 265 -5.57 12.31 -28.43
C MET C 265 -5.91 10.84 -28.43
N GLU C 266 -5.53 10.13 -29.47
CA GLU C 266 -5.87 8.72 -29.58
C GLU C 266 -5.14 7.84 -28.59
N ARG C 267 -3.88 8.15 -28.35
CA ARG C 267 -3.12 7.39 -27.36
C ARG C 267 -3.59 7.71 -25.95
N ILE C 268 -3.85 8.99 -25.66
CA ILE C 268 -4.28 9.38 -24.32
C ILE C 268 -5.71 8.95 -24.02
N LEU C 269 -6.61 9.18 -24.97
CA LEU C 269 -8.06 9.00 -24.73
C LEU C 269 -8.74 7.83 -25.47
N GLY C 270 -8.07 7.22 -26.42
CA GLY C 270 -8.71 6.21 -27.27
C GLY C 270 -9.15 6.81 -28.59
N PRO C 271 -9.69 5.98 -29.47
CA PRO C 271 -9.95 6.41 -30.84
C PRO C 271 -11.06 7.48 -31.03
N ILE C 272 -10.88 8.26 -32.09
CA ILE C 272 -11.77 9.34 -32.45
C ILE C 272 -13.02 8.78 -33.13
N PRO C 273 -14.19 9.18 -32.64
CA PRO C 273 -15.46 8.68 -33.12
C PRO C 273 -15.60 8.82 -34.62
N SER C 274 -15.90 7.70 -35.29
CA SER C 274 -16.01 7.67 -36.73
C SER C 274 -16.84 8.84 -37.23
N ARG C 275 -18.01 9.07 -36.63
CA ARG C 275 -18.90 10.13 -37.11
C ARG C 275 -18.15 11.42 -37.44
N MET C 276 -17.32 11.88 -36.51
CA MET C 276 -16.53 13.10 -36.74
C MET C 276 -15.60 12.96 -37.96
N ILE C 277 -14.87 11.85 -38.04
CA ILE C 277 -13.96 11.66 -39.15
C ILE C 277 -14.65 11.71 -40.54
N ARG C 278 -15.90 11.27 -40.60
CA ARG C 278 -16.69 11.36 -41.83
C ARG C 278 -17.31 12.75 -42.11
N LYS C 279 -17.85 13.42 -41.08
CA LYS C 279 -18.43 14.77 -41.24
C LYS C 279 -17.37 15.84 -41.55
N THR C 280 -16.11 15.59 -41.18
CA THR C 280 -15.06 16.61 -41.32
C THR C 280 -14.78 16.99 -42.76
N ARG C 281 -14.37 18.24 -42.94
CA ARG C 281 -13.80 18.72 -44.20
C ARG C 281 -12.30 18.41 -44.18
N LYS C 282 -11.71 18.31 -43.01
CA LYS C 282 -10.27 18.11 -42.93
C LYS C 282 -9.90 16.65 -43.20
N GLN C 283 -10.23 16.19 -44.40
CA GLN C 283 -10.13 14.77 -44.71
C GLN C 283 -8.69 14.23 -44.78
N LYS C 284 -7.74 15.12 -45.09
CA LYS C 284 -6.32 14.74 -45.26
C LYS C 284 -5.68 13.92 -44.14
N TYR C 285 -6.14 14.03 -42.89
CA TYR C 285 -5.49 13.31 -41.76
C TYR C 285 -6.00 11.87 -41.56
N PHE C 286 -6.86 11.39 -42.47
CA PHE C 286 -7.54 10.10 -42.35
C PHE C 286 -7.47 9.27 -43.61
N TYR C 287 -7.26 7.97 -43.41
CA TYR C 287 -7.22 6.97 -44.45
C TYR C 287 -8.08 5.82 -43.99
N ARG C 288 -8.91 5.30 -44.91
CA ARG C 288 -9.84 4.20 -44.61
C ARG C 288 -10.80 4.49 -43.44
N GLY C 289 -11.04 5.75 -43.10
CA GLY C 289 -11.97 6.08 -42.02
C GLY C 289 -11.36 6.17 -40.63
N ARG C 290 -10.20 5.57 -40.42
CA ARG C 290 -9.46 5.70 -39.15
C ARG C 290 -8.24 6.61 -39.36
N LEU C 291 -7.86 7.37 -38.33
CA LEU C 291 -6.68 8.27 -38.40
C LEU C 291 -5.49 7.73 -39.22
N ASP C 292 -4.99 8.52 -40.16
CA ASP C 292 -3.80 8.14 -40.96
C ASP C 292 -2.54 8.49 -40.15
N TRP C 293 -2.24 7.62 -39.18
CA TRP C 293 -1.06 7.71 -38.35
C TRP C 293 -0.38 6.35 -38.42
N ASP C 294 0.94 6.32 -38.23
CA ASP C 294 1.65 5.06 -38.13
C ASP C 294 2.47 5.04 -36.85
N GLU C 295 1.96 4.34 -35.86
CA GLU C 295 2.64 4.15 -34.57
C GLU C 295 4.12 3.77 -34.71
N ASN C 296 4.50 3.13 -35.80
CA ASN C 296 5.83 2.55 -35.92
C ASN C 296 6.78 3.33 -36.84
N THR C 297 6.51 4.62 -37.06
CA THR C 297 7.49 5.50 -37.72
C THR C 297 8.33 6.15 -36.64
N SER C 298 9.18 7.09 -37.05
CA SER C 298 9.86 7.93 -36.08
C SER C 298 8.87 8.83 -35.34
N ALA C 299 7.95 9.46 -36.05
CA ALA C 299 6.93 10.29 -35.42
C ALA C 299 6.05 9.51 -34.43
N GLY C 300 5.47 8.39 -34.85
CA GLY C 300 4.60 7.61 -33.96
C GLY C 300 5.28 7.08 -32.72
N ARG C 301 6.57 6.74 -32.85
CA ARG C 301 7.41 6.33 -31.73
C ARG C 301 7.67 7.48 -30.80
N TYR C 302 7.63 8.70 -31.29
CA TYR C 302 7.78 9.87 -30.45
C TYR C 302 6.58 10.06 -29.55
N VAL C 303 5.39 10.04 -30.14
CA VAL C 303 4.12 10.13 -29.40
C VAL C 303 4.00 9.05 -28.32
N ARG C 304 4.36 7.81 -28.67
CA ARG C 304 4.22 6.67 -27.76
C ARG C 304 5.10 6.87 -26.52
N GLU C 305 6.31 7.38 -26.74
CA GLU C 305 7.26 7.58 -25.65
C GLU C 305 7.04 8.88 -24.85
N ASN C 306 6.22 9.79 -25.36
CA ASN C 306 5.99 11.10 -24.71
C ASN C 306 4.55 11.35 -24.26
N CYS C 307 3.71 10.32 -24.30
CA CYS C 307 2.43 10.36 -23.60
C CYS C 307 1.90 8.94 -23.44
N LYS C 308 0.93 8.77 -22.55
CA LYS C 308 0.32 7.48 -22.26
C LYS C 308 -1.13 7.71 -21.96
N PRO C 309 -1.95 6.64 -21.89
CA PRO C 309 -3.38 6.80 -21.60
C PRO C 309 -3.67 7.52 -20.29
N LEU C 310 -4.74 8.28 -20.29
CA LEU C 310 -4.99 9.29 -19.28
C LEU C 310 -4.81 8.85 -17.82
N ARG C 311 -5.45 7.75 -17.44
CA ARG C 311 -5.49 7.36 -16.02
C ARG C 311 -4.13 6.97 -15.51
N ARG C 312 -3.17 6.88 -16.41
CA ARG C 312 -1.83 6.51 -16.00
C ARG C 312 -1.01 7.63 -15.43
N TYR C 313 -1.56 8.84 -15.48
CA TYR C 313 -0.92 9.99 -14.86
C TYR C 313 -1.28 10.13 -13.38
N LEU C 314 -2.15 9.25 -12.87
CA LEU C 314 -2.50 9.24 -11.44
C LEU C 314 -1.27 9.11 -10.54
N THR C 315 -1.12 10.09 -9.63
CA THR C 315 -0.12 10.06 -8.56
C THR C 315 -0.48 9.02 -7.49
N SER C 316 -1.77 8.80 -7.26
CA SER C 316 -2.23 7.99 -6.14
C SER C 316 -3.32 7.00 -6.57
N GLU C 317 -3.70 6.12 -5.65
CA GLU C 317 -4.81 5.18 -5.83
C GLU C 317 -6.05 5.57 -5.04
N ALA C 318 -5.96 6.60 -4.21
CA ALA C 318 -7.10 7.02 -3.36
C ALA C 318 -8.30 7.38 -4.21
N GLU C 319 -9.49 7.22 -3.66
CA GLU C 319 -10.70 7.50 -4.43
C GLU C 319 -10.74 8.94 -4.93
N GLU C 320 -10.37 9.89 -4.08
CA GLU C 320 -10.49 11.29 -4.46
C GLU C 320 -9.69 11.60 -5.72
N HIS C 321 -8.60 10.89 -5.93
CA HIS C 321 -7.83 10.99 -7.18
C HIS C 321 -8.52 10.39 -8.40
N HIS C 322 -9.07 9.20 -8.23
CA HIS C 322 -9.80 8.57 -9.30
C HIS C 322 -10.99 9.44 -9.67
N GLN C 323 -11.61 10.07 -8.67
CA GLN C 323 -12.77 10.95 -8.93
C GLN C 323 -12.37 12.09 -9.86
N LEU C 324 -11.24 12.72 -9.56
CA LEU C 324 -10.67 13.75 -10.43
C LEU C 324 -10.59 13.28 -11.86
N PHE C 325 -10.06 12.08 -12.07
CA PHE C 325 -9.84 11.60 -13.42
C PHE C 325 -11.11 11.20 -14.14
N ASP C 326 -12.16 10.84 -13.42
CA ASP C 326 -13.46 10.66 -14.06
C ASP C 326 -13.94 11.99 -14.63
N LEU C 327 -13.87 13.05 -13.82
CA LEU C 327 -14.17 14.42 -14.24
C LEU C 327 -13.40 14.82 -15.52
N ILE C 328 -12.08 14.72 -15.44
CA ILE C 328 -11.24 15.03 -16.57
C ILE C 328 -11.72 14.21 -17.77
N GLU C 329 -11.86 12.91 -17.56
CA GLU C 329 -12.21 11.98 -18.63
C GLU C 329 -13.51 12.40 -19.32
N SER C 330 -14.47 12.93 -18.56
CA SER C 330 -15.74 13.33 -19.13
C SER C 330 -15.63 14.62 -19.92
N MET C 331 -14.81 15.52 -19.42
CA MET C 331 -14.58 16.78 -20.08
C MET C 331 -13.84 16.58 -21.41
N LEU C 332 -13.02 15.54 -21.51
CA LEU C 332 -12.34 15.23 -22.76
C LEU C 332 -13.09 14.16 -23.58
N GLU C 333 -14.40 14.24 -23.57
CA GLU C 333 -15.21 13.44 -24.48
C GLU C 333 -15.09 14.04 -25.88
N TYR C 334 -14.76 13.20 -26.86
CA TYR C 334 -14.56 13.66 -28.23
C TYR C 334 -15.79 14.42 -28.77
N GLU C 335 -16.97 13.83 -28.61
CA GLU C 335 -18.18 14.36 -29.22
C GLU C 335 -18.76 15.52 -28.38
N PRO C 336 -18.84 16.73 -28.95
CA PRO C 336 -19.25 17.90 -28.16
C PRO C 336 -20.62 17.76 -27.47
N ALA C 337 -21.60 17.24 -28.21
CA ALA C 337 -22.94 17.08 -27.68
C ALA C 337 -22.98 16.11 -26.51
N LYS C 338 -22.09 15.12 -26.50
CA LYS C 338 -22.00 14.14 -25.44
C LYS C 338 -21.11 14.63 -24.31
N ARG C 339 -20.29 15.63 -24.58
CA ARG C 339 -19.35 16.11 -23.59
C ARG C 339 -20.09 16.68 -22.38
N LEU C 340 -19.49 16.48 -21.22
CA LEU C 340 -19.96 17.05 -19.96
C LEU C 340 -20.24 18.53 -20.08
N THR C 341 -21.42 18.97 -19.66
CA THR C 341 -21.68 20.41 -19.52
C THR C 341 -21.16 20.86 -18.18
N LEU C 342 -20.99 22.16 -17.99
CA LEU C 342 -20.44 22.71 -16.74
C LEU C 342 -21.43 22.67 -15.58
N GLY C 343 -22.73 22.66 -15.90
CA GLY C 343 -23.76 22.41 -14.89
C GLY C 343 -23.62 21.03 -14.27
N GLU C 344 -23.48 20.02 -15.13
CA GLU C 344 -23.18 18.67 -14.70
C GLU C 344 -21.88 18.68 -13.93
N ALA C 345 -20.87 19.37 -14.45
CA ALA C 345 -19.55 19.42 -13.82
C ALA C 345 -19.63 19.85 -12.35
N LEU C 346 -20.39 20.90 -12.04
CA LEU C 346 -20.50 21.37 -10.67
C LEU C 346 -21.14 20.33 -9.75
N GLN C 347 -21.96 19.45 -10.31
CA GLN C 347 -22.60 18.36 -9.53
C GLN C 347 -21.73 17.11 -9.35
N HIS C 348 -20.55 17.08 -9.95
CA HIS C 348 -19.66 15.90 -9.95
C HIS C 348 -19.13 15.50 -8.57
N PRO C 349 -19.06 14.18 -8.27
CA PRO C 349 -18.55 13.63 -7.02
C PRO C 349 -17.26 14.24 -6.49
N PHE C 350 -16.36 14.62 -7.40
CA PHE C 350 -15.07 15.23 -7.06
C PHE C 350 -15.21 16.54 -6.29
N PHE C 351 -16.27 17.28 -6.60
CA PHE C 351 -16.58 18.54 -5.94
C PHE C 351 -17.53 18.35 -4.75
N ALA C 352 -17.81 17.09 -4.42
CA ALA C 352 -18.71 16.74 -3.33
C ALA C 352 -18.61 17.69 -2.12
N ARG C 353 -17.43 17.82 -1.51
CA ARG C 353 -17.30 18.61 -0.29
C ARG C 353 -17.38 20.13 -0.49
N LEU C 354 -18.05 20.57 -1.56
CA LEU C 354 -18.37 22.00 -1.73
C LEU C 354 -19.87 22.12 -2.08
N ARG C 355 -20.28 21.60 -3.23
CA ARG C 355 -21.68 21.66 -3.70
C ARG C 355 -22.70 21.61 -2.54
CAA NR9 D . -8.70 -8.80 18.49
CAB NR9 D . -9.39 -7.74 19.05
CAC NR9 D . -10.20 -6.94 18.25
CAD NR9 D . -8.80 -9.11 17.15
CAE NR9 D . -9.62 -8.34 16.34
CAF NR9 D . -10.31 -7.26 16.90
NAG NR9 D . -9.71 -8.64 15.02
CAH NR9 D . -10.50 -7.91 14.25
CAI NR9 D . -11.12 -6.49 16.07
CAJ NR9 D . -11.23 -6.83 14.73
CAK NR9 D . -9.19 -7.50 20.43
CAL NR9 D . -10.09 -6.91 21.31
CAM NR9 D . -9.94 -6.90 22.70
NAN NR9 D . -10.92 -6.26 23.38
CAO NR9 D . -11.87 -5.77 22.56
SAP NR9 D . -11.55 -6.09 20.92
OAQ NR9 D . -8.98 -7.44 23.26
NAR NR9 D . -12.95 -5.12 22.96
CAS NR9 D . -14.14 -5.21 22.15
CAT NR9 D . -14.74 -3.83 21.88
SAU NR9 D . -14.08 -2.77 20.74
CAV NR9 D . -15.28 -1.60 21.04
CAW NR9 D . -16.13 -2.03 22.00
CAX NR9 D . -15.83 -3.25 22.46
CAA NR9 E . 30.93 -14.04 -17.80
CAB NR9 E . 30.82 -13.35 -16.58
CAC NR9 E . 29.85 -12.34 -16.48
CAD NR9 E . 30.10 -13.76 -18.90
CAE NR9 E . 29.13 -12.76 -18.79
CAF NR9 E . 29.01 -12.06 -17.58
NAG NR9 E . 28.31 -12.48 -19.84
CAH NR9 E . 27.39 -11.53 -19.78
CAI NR9 E . 28.03 -11.06 -17.49
CAJ NR9 E . 27.23 -10.79 -18.61
CAK NR9 E . 31.71 -13.72 -15.57
CAL NR9 E . 31.63 -13.54 -14.17
CAM NR9 E . 32.56 -14.04 -13.23
NAN NR9 E . 32.30 -13.74 -11.93
CAO NR9 E . 31.18 -13.00 -11.76
SAP NR9 E . 30.45 -12.67 -13.29
OAQ NR9 E . 33.55 -14.73 -13.55
NAR NR9 E . 30.69 -12.58 -10.57
CAS NR9 E . 29.23 -12.45 -10.35
CAT NR9 E . 28.82 -10.98 -10.07
SAU NR9 E . 28.93 -9.74 -11.22
CAV NR9 E . 28.32 -8.54 -10.18
CAW NR9 E . 28.04 -9.12 -9.00
CAX NR9 E . 28.32 -10.44 -8.94
CAA NR9 F . -6.23 41.88 -14.68
CAB NR9 F . -5.46 41.49 -15.76
CAC NR9 F . -4.13 41.22 -15.60
CAD NR9 F . -5.68 41.99 -13.41
CAE NR9 F . -4.35 41.72 -13.23
CAF NR9 F . -3.57 41.32 -14.33
NAG NR9 F . -3.82 41.82 -12.01
CAH NR9 F . -2.55 41.54 -11.81
CAI NR9 F . -2.24 41.05 -14.14
CAJ NR9 F . -1.72 41.15 -12.87
CAK NR9 F . -6.10 41.43 -16.97
CAL NR9 F . -5.76 40.63 -18.06
CAM NR9 F . -6.58 40.43 -19.17
NAN NR9 F . -6.05 39.61 -20.10
CAO NR9 F . -4.84 39.15 -19.76
SAP NR9 F . -4.34 39.76 -18.27
OAQ NR9 F . -7.71 40.93 -19.29
NAR NR9 F . -4.14 38.31 -20.50
CAS NR9 F . -3.20 37.40 -19.86
CAT NR9 F . -1.87 37.57 -20.55
SAU NR9 F . -0.73 38.75 -20.08
CAV NR9 F . 0.37 38.29 -21.26
CAW NR9 F . -0.17 37.27 -21.98
CAX NR9 F . -1.39 36.87 -21.59
#